data_6N9R
#
_entry.id   6N9R
#
_cell.length_a   145.010
_cell.length_b   108.590
_cell.length_c   78.600
_cell.angle_alpha   90.00
_cell.angle_beta   115.75
_cell.angle_gamma   90.00
#
_symmetry.space_group_name_H-M   'C 1 2 1'
#
loop_
_entity.id
_entity.type
_entity.pdbx_description
1 polymer 'Putative hydrolase'
2 non-polymer 'COBALT (II) ION'
3 non-polymer 'FE (III) ION'
4 non-polymer 'N-3-OXO-DODECANOYL-L-HOMOSERINE LACTONE'
5 non-polymer 'ACETATE ION'
6 non-polymer 1,2-ETHANEDIOL
7 non-polymer 'PENTAETHYLENE GLYCOL'
8 non-polymer 'TRIETHYLENE GLYCOL'
9 non-polymer 'SULFATE ION'
10 water water
#
_entity_poly.entity_id   1
_entity_poly.type   'polypeptide(L)'
_entity_poly.pdbx_seq_one_letter_code
;WSHPQFEKENLYFQSMANVIKARPKLYVMDNGRMRMDKNWMIAMHNPATIHNPNAQTEFVEFPIYTVLIDHPEGKILFDT
SCNPNSMGPQGRWAESTQQMFPWTATEECYLHNRLEQLKVRPEDIRYVVASHLHLDHAGCLEMFTNATIIVHEDEFNGAL
QCYARNQKEGAYIWADIDAWIKNNLQWRTVKRHEDNILLAEGVKVLNFGSGHAWGMLGLHVELPETGGIILASDAIYTAE
SYGPPIKPPGIIYDSLGYMNTVERIRRIAQETKSQVWFGHDAEQFKKFRKSTEGYYE
;
_entity_poly.pdbx_strand_id   A,P,X
#
loop_
_chem_comp.id
_chem_comp.type
_chem_comp.name
_chem_comp.formula
1PE non-polymer 'PENTAETHYLENE GLYCOL' 'C10 H22 O6'
ACT non-polymer 'ACETATE ION' 'C2 H3 O2 -1'
CO non-polymer 'COBALT (II) ION' 'Co 2'
EDO non-polymer 1,2-ETHANEDIOL 'C2 H6 O2'
FE non-polymer 'FE (III) ION' 'Fe 3'
OHN non-polymer 'N-3-OXO-DODECANOYL-L-HOMOSERINE LACTONE' 'C16 H27 N O4'
PGE non-polymer 'TRIETHYLENE GLYCOL' 'C6 H14 O4'
SO4 non-polymer 'SULFATE ION' 'O4 S -2'
#
# COMPACT_ATOMS: atom_id res chain seq x y z
N ALA A 22 -3.18 -26.95 9.90
CA ALA A 22 -3.98 -25.85 10.55
C ALA A 22 -3.03 -24.78 11.10
N ARG A 23 -3.32 -23.52 10.76
CA ARG A 23 -2.58 -22.37 11.26
C ARG A 23 -3.55 -21.47 12.03
N PRO A 24 -3.95 -21.87 13.26
CA PRO A 24 -4.93 -21.11 14.03
C PRO A 24 -4.30 -19.86 14.67
N LYS A 25 -5.16 -19.00 15.19
CA LYS A 25 -4.77 -17.86 16.01
C LYS A 25 -5.50 -17.97 17.35
N LEU A 26 -4.75 -17.85 18.45
CA LEU A 26 -5.30 -17.92 19.78
C LEU A 26 -5.26 -16.54 20.43
N TYR A 27 -6.40 -16.10 20.96
CA TYR A 27 -6.55 -14.79 21.56
C TYR A 27 -6.85 -14.92 23.07
N VAL A 28 -6.19 -14.07 23.86
CA VAL A 28 -6.50 -13.88 25.27
C VAL A 28 -7.32 -12.59 25.40
N MET A 29 -8.54 -12.72 25.93
CA MET A 29 -9.46 -11.59 26.04
C MET A 29 -9.63 -11.20 27.52
N ASP A 30 -9.39 -9.92 27.80
CA ASP A 30 -9.43 -9.35 29.14
C ASP A 30 -10.88 -9.03 29.51
N ASN A 31 -11.42 -9.76 30.51
CA ASN A 31 -12.82 -9.65 30.91
C ASN A 31 -12.92 -9.06 32.32
N GLY A 32 -11.95 -8.20 32.67
CA GLY A 32 -12.03 -7.40 33.88
C GLY A 32 -11.27 -8.01 35.05
N ARG A 33 -11.57 -7.50 36.24
CA ARG A 33 -10.85 -7.85 37.46
C ARG A 33 -11.85 -8.24 38.55
N MET A 34 -11.42 -9.18 39.41
CA MET A 34 -12.18 -9.59 40.57
C MET A 34 -11.28 -9.48 41.81
N ARG A 35 -11.92 -9.29 42.97
CA ARG A 35 -11.23 -9.27 44.25
C ARG A 35 -11.93 -10.25 45.20
N MET A 36 -11.15 -10.85 46.11
CA MET A 36 -11.69 -11.71 47.13
C MET A 36 -10.61 -12.00 48.19
N ASP A 37 -11.07 -12.46 49.35
CA ASP A 37 -10.22 -12.91 50.44
C ASP A 37 -9.17 -13.89 49.88
N LYS A 38 -7.89 -13.61 50.16
CA LYS A 38 -6.81 -14.43 49.62
C LYS A 38 -6.91 -15.85 50.16
N ASN A 39 -7.62 -16.03 51.27
CA ASN A 39 -7.80 -17.34 51.89
C ASN A 39 -8.58 -18.25 50.94
N TRP A 40 -9.42 -17.65 50.08
CA TRP A 40 -10.14 -18.39 49.03
C TRP A 40 -9.12 -18.96 48.04
N MET A 41 -8.11 -18.14 47.71
N MET A 41 -8.12 -18.14 47.70
CA MET A 41 -7.13 -18.46 46.66
CA MET A 41 -7.13 -18.44 46.67
C MET A 41 -6.08 -19.42 47.21
C MET A 41 -6.09 -19.43 47.22
N ILE A 42 -5.56 -19.10 48.39
CA ILE A 42 -4.52 -19.89 49.05
C ILE A 42 -4.96 -20.19 50.49
N ALA A 43 -5.35 -21.44 50.74
CA ALA A 43 -5.87 -21.86 52.05
C ALA A 43 -4.84 -21.55 53.14
N MET A 44 -5.30 -20.89 54.20
CA MET A 44 -4.50 -20.63 55.40
C MET A 44 -3.15 -20.01 55.00
N HIS A 45 -3.21 -18.97 54.18
CA HIS A 45 -2.01 -18.34 53.62
C HIS A 45 -1.20 -17.65 54.71
N ASN A 46 -1.88 -17.22 55.78
CA ASN A 46 -1.25 -16.47 56.86
C ASN A 46 -1.96 -16.77 58.17
N PRO A 47 -1.77 -17.99 58.74
CA PRO A 47 -2.46 -18.39 59.97
C PRO A 47 -2.12 -17.52 61.19
N ALA A 48 -3.11 -17.32 62.05
CA ALA A 48 -2.94 -16.62 63.31
C ALA A 48 -1.97 -17.43 64.20
N THR A 49 -1.22 -16.71 65.04
CA THR A 49 -0.28 -17.31 65.96
C THR A 49 -0.41 -16.62 67.33
N ILE A 50 0.21 -17.20 68.35
CA ILE A 50 0.09 -16.75 69.72
C ILE A 50 0.40 -15.24 69.79
N HIS A 51 1.36 -14.79 68.97
CA HIS A 51 1.82 -13.40 69.03
C HIS A 51 1.10 -12.54 67.99
N ASN A 52 0.34 -13.20 67.11
CA ASN A 52 -0.48 -12.51 66.10
C ASN A 52 -1.83 -13.22 66.02
N PRO A 53 -2.62 -13.22 67.12
CA PRO A 53 -3.82 -14.06 67.22
C PRO A 53 -5.02 -13.55 66.39
N ASN A 54 -4.97 -12.28 65.99
CA ASN A 54 -6.05 -11.66 65.22
C ASN A 54 -5.54 -11.35 63.80
N ALA A 55 -4.66 -12.22 63.30
CA ALA A 55 -4.11 -12.08 61.96
C ALA A 55 -5.21 -11.67 60.99
N GLN A 56 -4.92 -10.66 60.17
N GLN A 56 -4.93 -10.66 60.17
CA GLN A 56 -5.85 -10.15 59.18
CA GLN A 56 -5.88 -10.16 59.18
C GLN A 56 -5.47 -10.73 57.80
C GLN A 56 -5.48 -10.70 57.80
N THR A 57 -6.50 -10.94 56.96
CA THR A 57 -6.29 -11.46 55.62
C THR A 57 -6.01 -10.29 54.66
N GLU A 58 -5.90 -10.62 53.38
CA GLU A 58 -5.71 -9.65 52.32
C GLU A 58 -6.89 -9.77 51.34
N PHE A 59 -7.27 -8.65 50.73
CA PHE A 59 -8.26 -8.60 49.67
C PHE A 59 -7.55 -8.43 48.33
N VAL A 60 -7.33 -9.54 47.62
CA VAL A 60 -6.43 -9.59 46.46
C VAL A 60 -7.24 -9.46 45.17
N GLU A 61 -6.62 -8.79 44.18
CA GLU A 61 -7.22 -8.58 42.87
C GLU A 61 -6.59 -9.56 41.87
N PHE A 62 -7.41 -10.06 40.94
CA PHE A 62 -6.95 -11.01 39.95
C PHE A 62 -7.77 -10.87 38.68
N PRO A 63 -7.21 -11.28 37.51
CA PRO A 63 -7.90 -11.15 36.23
C PRO A 63 -8.92 -12.25 35.95
N ILE A 64 -9.99 -11.87 35.24
CA ILE A 64 -10.93 -12.78 34.62
C ILE A 64 -10.68 -12.71 33.11
N TYR A 65 -10.41 -13.86 32.49
CA TYR A 65 -10.14 -13.85 31.05
C TYR A 65 -10.74 -15.09 30.39
N THR A 66 -10.84 -15.01 29.06
CA THR A 66 -11.31 -16.07 28.21
C THR A 66 -10.34 -16.22 27.04
N VAL A 67 -10.39 -17.36 26.36
CA VAL A 67 -9.50 -17.64 25.26
C VAL A 67 -10.33 -18.04 24.04
N LEU A 68 -10.05 -17.38 22.92
CA LEU A 68 -10.65 -17.72 21.64
C LEU A 68 -9.58 -18.36 20.74
N ILE A 69 -9.90 -19.54 20.21
N ILE A 69 -9.92 -19.53 20.20
CA ILE A 69 -9.08 -20.20 19.22
CA ILE A 69 -9.08 -20.19 19.22
C ILE A 69 -9.78 -20.10 17.86
C ILE A 69 -9.78 -20.10 17.86
N ASP A 70 -9.28 -19.21 17.01
CA ASP A 70 -9.78 -19.06 15.65
C ASP A 70 -9.14 -20.16 14.80
N HIS A 71 -9.84 -21.30 14.71
CA HIS A 71 -9.36 -22.50 14.06
C HIS A 71 -10.05 -22.65 12.71
N PRO A 72 -9.34 -23.19 11.67
CA PRO A 72 -9.95 -23.40 10.36
C PRO A 72 -11.18 -24.34 10.41
N GLU A 73 -11.22 -25.21 11.43
CA GLU A 73 -12.30 -26.18 11.56
C GLU A 73 -13.51 -25.53 12.26
N GLY A 74 -13.28 -24.34 12.83
CA GLY A 74 -14.32 -23.60 13.54
C GLY A 74 -13.75 -22.90 14.76
N LYS A 75 -14.46 -21.88 15.23
CA LYS A 75 -14.01 -21.06 16.34
C LYS A 75 -14.37 -21.75 17.66
N ILE A 76 -13.38 -21.82 18.56
CA ILE A 76 -13.52 -22.47 19.85
C ILE A 76 -13.27 -21.43 20.95
N LEU A 77 -14.18 -21.39 21.92
CA LEU A 77 -14.13 -20.46 23.03
C LEU A 77 -13.96 -21.23 24.33
N PHE A 78 -12.95 -20.86 25.12
CA PHE A 78 -12.69 -21.46 26.42
C PHE A 78 -13.08 -20.47 27.52
N ASP A 79 -14.15 -20.81 28.26
CA ASP A 79 -14.71 -19.99 29.35
C ASP A 79 -15.44 -18.78 28.74
N THR A 80 -16.24 -18.08 29.55
CA THR A 80 -17.11 -17.00 29.06
C THR A 80 -17.18 -15.84 30.06
N SER A 81 -16.36 -15.90 31.12
CA SER A 81 -16.26 -14.83 32.12
C SER A 81 -17.60 -14.61 32.82
N CYS A 82 -17.86 -13.36 33.23
CA CYS A 82 -19.04 -13.00 34.01
C CYS A 82 -20.11 -12.35 33.12
N ASN A 83 -21.38 -12.52 33.49
CA ASN A 83 -22.49 -11.90 32.79
C ASN A 83 -22.42 -10.39 33.01
N PRO A 84 -22.62 -9.58 31.96
CA PRO A 84 -22.61 -8.12 32.08
C PRO A 84 -23.56 -7.55 33.16
N ASN A 85 -24.58 -8.34 33.52
N ASN A 85 -24.60 -8.32 33.51
CA ASN A 85 -25.60 -7.93 34.49
CA ASN A 85 -25.58 -7.88 34.50
C ASN A 85 -25.40 -8.66 35.81
C ASN A 85 -25.39 -8.67 35.80
N SER A 86 -24.13 -8.88 36.19
CA SER A 86 -23.80 -9.58 37.42
C SER A 86 -23.92 -8.65 38.63
N MET A 87 -23.27 -7.49 38.54
CA MET A 87 -23.12 -6.58 39.68
C MET A 87 -24.22 -5.52 39.64
N GLY A 88 -24.42 -4.86 40.78
CA GLY A 88 -25.37 -3.76 40.91
C GLY A 88 -26.61 -4.15 41.72
N PRO A 89 -27.47 -3.17 42.10
CA PRO A 89 -28.66 -3.46 42.89
C PRO A 89 -29.68 -4.30 42.11
N GLN A 90 -29.62 -4.22 40.78
CA GLN A 90 -30.50 -4.98 39.88
C GLN A 90 -29.70 -6.10 39.22
N GLY A 91 -28.55 -6.45 39.81
CA GLY A 91 -27.68 -7.48 39.28
C GLY A 91 -28.23 -8.88 39.50
N ARG A 92 -27.57 -9.87 38.91
CA ARG A 92 -27.96 -11.27 39.02
C ARG A 92 -27.33 -11.90 40.26
N TRP A 93 -26.12 -11.43 40.60
CA TRP A 93 -25.38 -11.93 41.75
C TRP A 93 -26.05 -11.44 43.05
N ALA A 94 -26.19 -12.35 44.01
CA ALA A 94 -26.68 -12.02 45.34
C ALA A 94 -25.73 -10.99 45.98
N GLU A 95 -26.29 -10.15 46.86
CA GLU A 95 -25.54 -9.08 47.51
C GLU A 95 -24.28 -9.66 48.16
N SER A 96 -24.46 -10.76 48.90
N SER A 96 -24.46 -10.76 48.90
CA SER A 96 -23.38 -11.43 49.61
CA SER A 96 -23.38 -11.43 49.61
C SER A 96 -22.25 -11.77 48.63
C SER A 96 -22.24 -11.76 48.63
N THR A 97 -22.63 -12.25 47.44
CA THR A 97 -21.68 -12.65 46.41
C THR A 97 -20.92 -11.41 45.90
N GLN A 98 -21.66 -10.33 45.69
CA GLN A 98 -21.11 -9.09 45.14
C GLN A 98 -20.10 -8.49 46.12
N GLN A 99 -20.31 -8.74 47.42
CA GLN A 99 -19.49 -8.14 48.47
C GLN A 99 -18.20 -8.96 48.67
N MET A 100 -18.28 -10.27 48.41
CA MET A 100 -17.17 -11.18 48.69
C MET A 100 -16.33 -11.39 47.42
N PHE A 101 -16.95 -11.22 46.25
CA PHE A 101 -16.32 -11.50 44.97
C PHE A 101 -16.63 -10.39 43.98
N PRO A 102 -16.39 -9.11 44.34
CA PRO A 102 -16.74 -7.99 43.47
C PRO A 102 -16.01 -8.04 42.12
N TRP A 103 -16.79 -7.92 41.04
CA TRP A 103 -16.28 -7.89 39.69
C TRP A 103 -16.32 -6.47 39.15
N THR A 104 -15.18 -6.02 38.61
N THR A 104 -15.18 -6.02 38.61
CA THR A 104 -15.05 -4.69 38.01
CA THR A 104 -15.04 -4.69 38.02
C THR A 104 -14.64 -4.85 36.55
C THR A 104 -14.63 -4.84 36.54
N ALA A 105 -15.44 -4.25 35.65
CA ALA A 105 -15.21 -4.35 34.22
C ALA A 105 -15.85 -3.16 33.50
N THR A 106 -15.05 -2.52 32.64
CA THR A 106 -15.55 -1.54 31.70
C THR A 106 -16.29 -2.27 30.58
N GLU A 107 -17.10 -1.53 29.81
CA GLU A 107 -17.90 -2.11 28.74
C GLU A 107 -17.00 -2.86 27.76
N GLU A 108 -15.77 -2.37 27.62
N GLU A 108 -15.76 -2.38 27.62
CA GLU A 108 -14.77 -2.90 26.69
CA GLU A 108 -14.79 -2.93 26.67
C GLU A 108 -14.43 -4.34 27.10
C GLU A 108 -14.42 -4.35 27.09
N CYS A 109 -14.59 -4.65 28.38
CA CYS A 109 -14.17 -5.94 28.96
C CYS A 109 -15.25 -7.01 28.78
N TYR A 110 -16.49 -6.61 28.53
CA TYR A 110 -17.59 -7.56 28.31
C TYR A 110 -17.22 -8.48 27.14
N LEU A 111 -17.46 -9.78 27.31
CA LEU A 111 -17.04 -10.78 26.32
C LEU A 111 -17.62 -10.43 24.94
N HIS A 112 -18.89 -10.02 24.92
CA HIS A 112 -19.56 -9.69 23.66
C HIS A 112 -18.75 -8.65 22.89
N ASN A 113 -18.22 -7.66 23.63
CA ASN A 113 -17.52 -6.52 23.06
C ASN A 113 -16.11 -6.96 22.62
N ARG A 114 -15.48 -7.80 23.43
CA ARG A 114 -14.14 -8.32 23.12
C ARG A 114 -14.18 -9.09 21.81
N LEU A 115 -15.22 -9.91 21.62
CA LEU A 115 -15.38 -10.73 20.42
C LEU A 115 -15.67 -9.81 19.21
N GLU A 116 -16.49 -8.79 19.44
CA GLU A 116 -16.91 -7.86 18.40
C GLU A 116 -15.68 -7.15 17.81
N GLN A 117 -14.74 -6.78 18.69
CA GLN A 117 -13.55 -6.04 18.31
C GLN A 117 -12.64 -6.94 17.45
N LEU A 118 -12.91 -8.25 17.48
CA LEU A 118 -12.17 -9.21 16.67
C LEU A 118 -13.03 -9.60 15.45
N LYS A 119 -14.16 -8.92 15.28
CA LYS A 119 -15.10 -9.17 14.18
C LYS A 119 -15.68 -10.58 14.32
N VAL A 120 -15.87 -11.02 15.57
CA VAL A 120 -16.46 -12.32 15.86
C VAL A 120 -17.81 -12.10 16.57
N ARG A 121 -18.86 -12.69 15.99
CA ARG A 121 -20.20 -12.68 16.57
C ARG A 121 -20.41 -13.98 17.36
N PRO A 122 -21.22 -13.95 18.43
CA PRO A 122 -21.49 -15.17 19.21
C PRO A 122 -21.92 -16.37 18.35
N GLU A 123 -22.64 -16.09 17.25
N GLU A 123 -22.64 -16.08 17.26
CA GLU A 123 -23.21 -17.14 16.41
CA GLU A 123 -23.21 -17.11 16.39
C GLU A 123 -22.10 -17.76 15.54
C GLU A 123 -22.10 -17.78 15.58
N ASP A 124 -20.90 -17.18 15.61
CA ASP A 124 -19.75 -17.66 14.83
C ASP A 124 -19.00 -18.75 15.60
N ILE A 125 -19.35 -18.93 16.88
CA ILE A 125 -18.65 -19.86 17.76
C ILE A 125 -19.26 -21.26 17.59
N ARG A 126 -18.40 -22.22 17.24
CA ARG A 126 -18.82 -23.61 17.01
C ARG A 126 -18.84 -24.38 18.33
N TYR A 127 -17.80 -24.20 19.14
CA TYR A 127 -17.67 -24.89 20.42
C TYR A 127 -17.33 -23.89 21.53
N VAL A 128 -18.05 -24.04 22.66
CA VAL A 128 -17.67 -23.40 23.90
C VAL A 128 -17.26 -24.50 24.89
N VAL A 129 -16.02 -24.43 25.38
CA VAL A 129 -15.54 -25.32 26.43
C VAL A 129 -15.68 -24.59 27.77
N ALA A 130 -16.60 -25.08 28.60
CA ALA A 130 -16.81 -24.55 29.94
C ALA A 130 -15.93 -25.33 30.93
N SER A 131 -14.85 -24.69 31.38
CA SER A 131 -13.93 -25.30 32.35
C SER A 131 -14.74 -25.81 33.54
N HIS A 132 -15.69 -24.99 33.98
CA HIS A 132 -16.69 -25.31 35.00
C HIS A 132 -17.78 -24.23 34.95
N LEU A 133 -18.72 -24.26 35.88
CA LEU A 133 -19.92 -23.44 35.77
C LEU A 133 -20.01 -22.39 36.88
N HIS A 134 -18.85 -22.03 37.45
CA HIS A 134 -18.76 -20.95 38.43
C HIS A 134 -19.12 -19.62 37.75
N LEU A 135 -19.46 -18.62 38.58
CA LEU A 135 -20.04 -17.35 38.15
C LEU A 135 -19.06 -16.60 37.22
N ASP A 136 -17.75 -16.87 37.37
CA ASP A 136 -16.73 -16.08 36.69
C ASP A 136 -16.23 -16.81 35.43
N HIS A 137 -16.91 -17.91 35.06
CA HIS A 137 -16.47 -18.71 33.91
C HIS A 137 -17.65 -19.01 32.97
N ALA A 138 -18.88 -19.05 33.52
CA ALA A 138 -20.05 -19.50 32.76
C ALA A 138 -21.07 -18.37 32.62
N GLY A 139 -20.62 -17.13 32.82
CA GLY A 139 -21.50 -15.97 32.90
C GLY A 139 -22.21 -15.66 31.58
N CYS A 140 -21.57 -15.95 30.45
CA CYS A 140 -22.08 -15.52 29.14
C CYS A 140 -22.40 -16.71 28.23
N LEU A 141 -22.56 -17.90 28.82
CA LEU A 141 -22.88 -19.11 28.06
C LEU A 141 -24.14 -18.87 27.22
N GLU A 142 -25.09 -18.09 27.76
CA GLU A 142 -26.42 -17.94 27.17
C GLU A 142 -26.34 -17.28 25.79
N MET A 143 -25.18 -16.66 25.50
N MET A 143 -25.19 -16.65 25.51
CA MET A 143 -24.99 -15.90 24.26
CA MET A 143 -24.97 -15.90 24.26
C MET A 143 -24.78 -16.86 23.08
C MET A 143 -24.80 -16.87 23.09
N PHE A 144 -24.24 -18.05 23.37
CA PHE A 144 -23.74 -18.95 22.34
C PHE A 144 -24.79 -20.02 22.01
N THR A 145 -25.84 -19.59 21.30
CA THR A 145 -26.99 -20.41 20.98
C THR A 145 -26.75 -21.18 19.68
N ASN A 146 -25.59 -20.96 19.05
CA ASN A 146 -25.27 -21.61 17.79
C ASN A 146 -24.08 -22.56 17.99
N ALA A 147 -23.65 -22.72 19.25
CA ALA A 147 -22.50 -23.55 19.59
C ALA A 147 -22.95 -24.85 20.25
N THR A 148 -22.03 -25.83 20.28
CA THR A 148 -22.11 -26.94 21.20
C THR A 148 -21.34 -26.55 22.47
N ILE A 149 -22.03 -26.58 23.61
CA ILE A 149 -21.43 -26.25 24.90
C ILE A 149 -20.91 -27.54 25.53
N ILE A 150 -19.58 -27.61 25.71
CA ILE A 150 -18.93 -28.78 26.27
C ILE A 150 -18.65 -28.51 27.76
N VAL A 151 -19.20 -29.37 28.61
CA VAL A 151 -19.13 -29.22 30.06
C VAL A 151 -19.02 -30.61 30.68
N HIS A 152 -18.38 -30.70 31.85
CA HIS A 152 -18.31 -31.94 32.60
C HIS A 152 -19.70 -32.28 33.13
N GLU A 153 -20.10 -33.55 33.00
CA GLU A 153 -21.46 -33.98 33.32
C GLU A 153 -21.72 -33.75 34.81
N ASP A 154 -20.70 -33.92 35.65
CA ASP A 154 -20.84 -33.78 37.10
C ASP A 154 -21.02 -32.29 37.45
N GLU A 155 -20.36 -31.40 36.70
CA GLU A 155 -20.46 -29.97 36.93
C GLU A 155 -21.86 -29.50 36.52
N PHE A 156 -22.32 -30.00 35.37
CA PHE A 156 -23.64 -29.70 34.83
C PHE A 156 -24.72 -30.14 35.83
N ASN A 157 -24.59 -31.37 36.34
CA ASN A 157 -25.56 -31.95 37.26
C ASN A 157 -25.63 -31.09 38.54
N GLY A 158 -24.46 -30.70 39.05
CA GLY A 158 -24.36 -29.93 40.28
C GLY A 158 -25.03 -28.57 40.15
N ALA A 159 -24.73 -27.88 39.05
CA ALA A 159 -25.30 -26.56 38.77
C ALA A 159 -26.83 -26.65 38.68
N LEU A 160 -27.32 -27.69 37.99
CA LEU A 160 -28.76 -27.85 37.78
C LEU A 160 -29.47 -28.09 39.12
N GLN A 161 -28.80 -28.82 40.03
CA GLN A 161 -29.35 -29.06 41.36
C GLN A 161 -29.46 -27.73 42.12
N CYS A 162 -28.43 -26.89 41.99
CA CYS A 162 -28.45 -25.56 42.58
C CYS A 162 -29.69 -24.80 42.10
N TYR A 163 -29.96 -24.91 40.79
CA TYR A 163 -31.08 -24.24 40.16
C TYR A 163 -32.41 -24.80 40.70
N ALA A 164 -32.52 -26.13 40.68
CA ALA A 164 -33.75 -26.83 41.06
C ALA A 164 -34.06 -26.60 42.55
N ARG A 165 -32.99 -26.43 43.34
CA ARG A 165 -33.11 -26.25 44.79
C ARG A 165 -33.31 -24.76 45.12
N ASN A 166 -33.33 -23.94 44.07
CA ASN A 166 -33.56 -22.50 44.20
C ASN A 166 -32.50 -21.88 45.12
N GLN A 167 -31.25 -22.34 44.95
N GLN A 167 -31.25 -22.35 44.98
CA GLN A 167 -30.10 -21.80 45.64
CA GLN A 167 -30.11 -21.79 45.70
C GLN A 167 -29.74 -20.44 45.01
C GLN A 167 -29.72 -20.47 45.05
N LYS A 168 -29.84 -19.37 45.80
N LYS A 168 -29.83 -19.37 45.81
CA LYS A 168 -29.68 -18.00 45.31
CA LYS A 168 -29.67 -18.01 45.29
C LYS A 168 -28.29 -17.47 45.67
C LYS A 168 -28.29 -17.45 45.68
N GLU A 169 -27.70 -18.04 46.73
CA GLU A 169 -26.36 -17.64 47.17
C GLU A 169 -25.37 -18.73 46.74
N GLY A 170 -24.10 -18.34 46.59
CA GLY A 170 -23.04 -19.27 46.19
C GLY A 170 -22.45 -18.88 44.84
N ALA A 171 -21.63 -19.79 44.29
CA ALA A 171 -20.81 -19.52 43.12
C ALA A 171 -21.56 -19.90 41.83
N TYR A 172 -22.76 -20.48 41.99
CA TYR A 172 -23.59 -20.88 40.86
C TYR A 172 -24.83 -19.96 40.79
N ILE A 173 -24.88 -19.14 39.74
CA ILE A 173 -25.83 -18.02 39.64
C ILE A 173 -27.14 -18.53 39.02
N TRP A 174 -28.20 -18.49 39.84
CA TRP A 174 -29.52 -18.99 39.47
C TRP A 174 -29.97 -18.33 38.17
N ALA A 175 -29.81 -17.01 38.08
CA ALA A 175 -30.27 -16.21 36.94
C ALA A 175 -29.53 -16.64 35.67
N ASP A 176 -28.24 -16.97 35.79
CA ASP A 176 -27.43 -17.39 34.66
C ASP A 176 -27.96 -18.72 34.14
N ILE A 177 -28.15 -19.68 35.06
CA ILE A 177 -28.64 -21.02 34.72
C ILE A 177 -30.01 -20.90 34.07
N ASP A 178 -30.87 -20.05 34.66
CA ASP A 178 -32.22 -19.80 34.15
C ASP A 178 -32.13 -19.45 32.65
N ALA A 179 -31.14 -18.63 32.32
CA ALA A 179 -30.96 -18.09 30.97
C ALA A 179 -30.50 -19.20 30.01
N TRP A 180 -29.61 -20.08 30.49
CA TRP A 180 -29.09 -21.17 29.66
C TRP A 180 -30.26 -22.02 29.15
N ILE A 181 -31.23 -22.26 30.03
CA ILE A 181 -32.35 -23.15 29.77
C ILE A 181 -33.33 -22.46 28.80
N LYS A 182 -33.60 -21.18 29.06
N LYS A 182 -33.60 -21.18 29.07
CA LYS A 182 -34.56 -20.41 28.28
CA LYS A 182 -34.55 -20.38 28.29
C LYS A 182 -34.02 -20.17 26.87
C LYS A 182 -34.02 -20.21 26.87
N ASN A 183 -32.68 -20.15 26.74
CA ASN A 183 -32.04 -19.86 25.45
C ASN A 183 -31.77 -21.17 24.69
N ASN A 184 -32.12 -22.30 25.30
CA ASN A 184 -32.08 -23.61 24.65
C ASN A 184 -30.67 -23.90 24.13
N LEU A 185 -29.67 -23.76 25.01
CA LEU A 185 -28.29 -24.09 24.68
C LEU A 185 -28.21 -25.58 24.34
N GLN A 186 -27.26 -25.92 23.46
CA GLN A 186 -27.02 -27.30 23.05
C GLN A 186 -25.79 -27.83 23.79
N TRP A 187 -26.02 -28.82 24.66
CA TRP A 187 -25.02 -29.33 25.58
C TRP A 187 -24.42 -30.65 25.07
N ARG A 188 -23.11 -30.79 25.27
CA ARG A 188 -22.41 -32.05 25.17
C ARG A 188 -21.63 -32.27 26.48
N THR A 189 -22.08 -33.22 27.29
CA THR A 189 -21.47 -33.46 28.59
C THR A 189 -20.32 -34.47 28.44
N VAL A 190 -19.20 -34.13 29.07
CA VAL A 190 -18.06 -35.03 29.20
C VAL A 190 -18.33 -35.94 30.40
N LYS A 191 -18.40 -37.25 30.14
CA LYS A 191 -18.77 -38.23 31.15
C LYS A 191 -17.59 -38.39 32.13
N ARG A 192 -17.92 -38.84 33.35
CA ARG A 192 -16.96 -38.90 34.45
C ARG A 192 -15.74 -39.71 34.03
N HIS A 193 -15.94 -40.82 33.31
CA HIS A 193 -14.84 -41.72 32.98
C HIS A 193 -14.50 -41.63 31.49
N GLU A 194 -14.76 -40.47 30.89
CA GLU A 194 -14.56 -40.27 29.46
C GLU A 194 -13.12 -39.84 29.18
N ASP A 195 -12.54 -40.40 28.12
CA ASP A 195 -11.23 -40.02 27.62
C ASP A 195 -11.28 -38.56 27.14
N ASN A 196 -10.09 -37.96 27.01
CA ASN A 196 -9.94 -36.61 26.47
C ASN A 196 -10.58 -36.57 25.07
N ILE A 197 -11.02 -35.37 24.67
CA ILE A 197 -11.74 -35.19 23.41
C ILE A 197 -10.89 -34.35 22.45
N LEU A 198 -10.64 -34.91 21.27
CA LEU A 198 -10.00 -34.19 20.18
C LEU A 198 -11.08 -33.33 19.49
N LEU A 199 -11.04 -32.02 19.77
CA LEU A 199 -12.05 -31.09 19.31
C LEU A 199 -11.74 -30.63 17.88
N ALA A 200 -10.44 -30.52 17.58
CA ALA A 200 -9.94 -30.14 16.28
C ALA A 200 -8.44 -30.40 16.23
N GLU A 201 -7.85 -30.25 15.04
CA GLU A 201 -6.40 -30.44 14.88
C GLU A 201 -5.67 -29.62 15.94
N GLY A 202 -5.01 -30.32 16.86
CA GLY A 202 -4.16 -29.70 17.87
C GLY A 202 -4.94 -29.04 18.99
N VAL A 203 -6.22 -29.42 19.14
CA VAL A 203 -7.07 -28.91 20.22
C VAL A 203 -7.74 -30.09 20.94
N LYS A 204 -7.41 -30.25 22.21
N LYS A 204 -7.36 -30.29 22.20
CA LYS A 204 -7.81 -31.40 23.01
CA LYS A 204 -7.83 -31.42 22.99
C LYS A 204 -8.47 -30.91 24.31
C LYS A 204 -8.48 -30.90 24.28
N VAL A 205 -9.68 -31.40 24.57
CA VAL A 205 -10.38 -31.11 25.82
C VAL A 205 -9.90 -32.13 26.86
N LEU A 206 -9.31 -31.61 27.95
CA LEU A 206 -8.80 -32.44 29.03
C LEU A 206 -9.89 -32.63 30.09
N ASN A 207 -10.18 -33.90 30.40
CA ASN A 207 -11.16 -34.26 31.42
C ASN A 207 -10.45 -34.35 32.77
N PHE A 208 -10.44 -33.26 33.53
CA PHE A 208 -9.73 -33.19 34.81
C PHE A 208 -10.55 -33.84 35.91
N GLY A 209 -11.88 -33.81 35.77
CA GLY A 209 -12.79 -34.36 36.77
C GLY A 209 -12.88 -33.48 37.99
N SER A 210 -13.20 -34.08 39.14
CA SER A 210 -13.52 -33.35 40.36
C SER A 210 -12.26 -32.82 41.03
N GLY A 211 -12.39 -31.64 41.65
CA GLY A 211 -11.30 -30.97 42.35
C GLY A 211 -11.76 -29.64 42.91
N HIS A 212 -11.38 -28.56 42.22
CA HIS A 212 -11.84 -27.21 42.54
C HIS A 212 -13.38 -27.20 42.61
N ALA A 213 -14.01 -27.81 41.60
CA ALA A 213 -15.45 -27.94 41.51
C ALA A 213 -15.83 -29.39 41.19
N TRP A 214 -17.11 -29.61 40.90
CA TRP A 214 -17.66 -30.96 40.69
C TRP A 214 -16.96 -31.64 39.49
N GLY A 215 -16.73 -30.87 38.43
CA GLY A 215 -16.12 -31.40 37.21
C GLY A 215 -15.42 -30.32 36.40
N MET A 216 -14.08 -30.45 36.30
CA MET A 216 -13.24 -29.46 35.64
C MET A 216 -12.82 -29.97 34.26
N LEU A 217 -12.89 -29.09 33.27
CA LEU A 217 -12.33 -29.33 31.94
C LEU A 217 -11.17 -28.36 31.70
N GLY A 218 -10.11 -28.88 31.07
CA GLY A 218 -9.00 -28.06 30.60
C GLY A 218 -8.88 -28.17 29.09
N LEU A 219 -7.88 -27.47 28.54
CA LEU A 219 -7.62 -27.51 27.11
C LEU A 219 -6.11 -27.63 26.90
N HIS A 220 -5.72 -28.50 25.96
CA HIS A 220 -4.37 -28.49 25.44
C HIS A 220 -4.42 -28.07 23.97
N VAL A 221 -3.70 -26.98 23.68
CA VAL A 221 -3.60 -26.43 22.34
C VAL A 221 -2.16 -26.59 21.86
N GLU A 222 -2.00 -27.15 20.66
CA GLU A 222 -0.71 -27.26 20.00
C GLU A 222 -0.68 -26.27 18.83
N LEU A 223 0.04 -25.15 19.03
CA LEU A 223 0.17 -24.11 18.01
C LEU A 223 1.46 -24.33 17.23
N PRO A 224 1.41 -24.17 15.88
CA PRO A 224 2.59 -24.38 15.04
C PRO A 224 3.86 -23.64 15.50
N GLU A 225 3.73 -22.37 15.89
N GLU A 225 3.71 -22.37 15.86
CA GLU A 225 4.91 -21.55 16.16
CA GLU A 225 4.82 -21.46 16.14
C GLU A 225 5.07 -21.30 17.66
C GLU A 225 5.06 -21.35 17.65
N THR A 226 3.97 -21.36 18.42
CA THR A 226 4.02 -21.12 19.87
C THR A 226 4.28 -22.43 20.62
N GLY A 227 3.84 -23.55 20.03
CA GLY A 227 3.95 -24.87 20.66
C GLY A 227 2.76 -25.14 21.57
N GLY A 228 3.01 -25.91 22.64
CA GLY A 228 1.96 -26.44 23.50
C GLY A 228 1.52 -25.45 24.58
N ILE A 229 0.20 -25.35 24.77
CA ILE A 229 -0.40 -24.54 25.82
C ILE A 229 -1.47 -25.38 26.54
N ILE A 230 -1.40 -25.42 27.88
CA ILE A 230 -2.44 -26.02 28.69
C ILE A 230 -3.24 -24.89 29.37
N LEU A 231 -4.54 -24.82 29.07
CA LEU A 231 -5.45 -23.95 29.78
C LEU A 231 -6.03 -24.73 30.98
N ALA A 232 -5.58 -24.36 32.18
CA ALA A 232 -5.87 -25.10 33.39
C ALA A 232 -7.14 -24.57 34.07
N SER A 233 -7.48 -23.31 33.77
CA SER A 233 -8.54 -22.60 34.48
C SER A 233 -8.30 -22.75 35.99
N ASP A 234 -9.38 -22.99 36.75
CA ASP A 234 -9.32 -22.96 38.21
C ASP A 234 -8.81 -24.29 38.77
N ALA A 235 -8.33 -25.18 37.89
CA ALA A 235 -7.58 -26.35 38.34
C ALA A 235 -6.29 -25.86 39.01
N ILE A 236 -5.81 -24.69 38.57
CA ILE A 236 -4.64 -24.02 39.16
C ILE A 236 -4.87 -22.50 39.12
N TYR A 237 -5.16 -21.92 40.29
CA TYR A 237 -5.46 -20.50 40.40
C TYR A 237 -4.28 -19.65 39.90
N THR A 238 -3.09 -19.89 40.47
CA THR A 238 -1.93 -19.04 40.24
C THR A 238 -0.64 -19.86 40.34
N ALA A 239 0.49 -19.21 40.03
CA ALA A 239 1.80 -19.81 40.12
C ALA A 239 2.07 -20.23 41.58
N GLU A 240 1.47 -19.49 42.52
CA GLU A 240 1.61 -19.78 43.95
C GLU A 240 0.93 -21.12 44.26
N SER A 241 -0.23 -21.34 43.64
CA SER A 241 -0.96 -22.60 43.74
C SER A 241 -0.09 -23.75 43.23
N TYR A 242 0.56 -23.51 42.09
CA TYR A 242 1.25 -24.52 41.30
C TYR A 242 2.52 -24.98 42.00
N GLY A 243 3.27 -24.03 42.55
CA GLY A 243 4.56 -24.32 43.19
C GLY A 243 5.54 -24.93 42.18
N PRO A 244 6.21 -26.01 42.59
CA PRO A 244 5.99 -26.64 43.88
C PRO A 244 6.56 -25.82 45.03
N PRO A 245 6.07 -26.08 46.25
CA PRO A 245 5.04 -27.08 46.47
C PRO A 245 3.63 -26.55 46.19
N ILE A 246 2.67 -27.47 46.06
CA ILE A 246 1.28 -27.12 45.77
C ILE A 246 0.68 -26.45 47.00
N LYS A 247 0.03 -25.31 46.76
CA LYS A 247 -0.73 -24.60 47.80
C LYS A 247 -2.19 -24.57 47.39
N PRO A 248 -3.03 -25.48 47.92
CA PRO A 248 -4.43 -25.58 47.51
C PRO A 248 -5.27 -24.39 47.95
N PRO A 249 -6.44 -24.18 47.30
CA PRO A 249 -7.34 -23.08 47.64
C PRO A 249 -8.09 -23.31 48.97
N GLY A 250 -8.62 -22.23 49.54
CA GLY A 250 -9.16 -22.21 50.91
C GLY A 250 -10.45 -23.02 51.04
N ILE A 251 -11.18 -23.12 49.92
CA ILE A 251 -12.36 -23.96 49.83
C ILE A 251 -12.24 -24.79 48.55
N ILE A 252 -12.81 -25.99 48.56
CA ILE A 252 -12.48 -27.02 47.59
C ILE A 252 -13.57 -28.10 47.64
N TYR A 253 -13.93 -28.64 46.47
CA TYR A 253 -14.90 -29.71 46.44
C TYR A 253 -14.23 -31.05 46.80
N ASP A 254 -13.22 -31.42 45.99
CA ASP A 254 -12.54 -32.71 46.09
C ASP A 254 -11.04 -32.45 46.23
N SER A 255 -10.54 -32.45 47.47
CA SER A 255 -9.15 -32.10 47.76
C SER A 255 -8.20 -33.11 47.10
N LEU A 256 -8.52 -34.40 47.19
CA LEU A 256 -7.67 -35.45 46.61
C LEU A 256 -7.62 -35.27 45.09
N GLY A 257 -8.79 -35.05 44.49
CA GLY A 257 -8.93 -34.85 43.05
C GLY A 257 -8.19 -33.59 42.60
N TYR A 258 -8.23 -32.55 43.44
CA TYR A 258 -7.57 -31.29 43.13
C TYR A 258 -6.05 -31.52 43.03
N MET A 259 -5.48 -32.18 44.03
CA MET A 259 -4.04 -32.43 44.12
C MET A 259 -3.61 -33.32 42.94
N ASN A 260 -4.41 -34.35 42.65
CA ASN A 260 -4.11 -35.28 41.57
C ASN A 260 -4.08 -34.53 40.23
N THR A 261 -5.00 -33.59 40.06
CA THR A 261 -5.15 -32.84 38.81
C THR A 261 -3.94 -31.94 38.60
N VAL A 262 -3.49 -31.25 39.65
CA VAL A 262 -2.34 -30.36 39.56
C VAL A 262 -1.12 -31.18 39.12
N GLU A 263 -0.92 -32.34 39.74
CA GLU A 263 0.23 -33.18 39.46
C GLU A 263 0.13 -33.70 38.01
N ARG A 264 -1.09 -34.00 37.59
CA ARG A 264 -1.34 -34.51 36.25
C ARG A 264 -0.96 -33.44 35.22
N ILE A 265 -1.33 -32.19 35.49
CA ILE A 265 -1.03 -31.07 34.62
C ILE A 265 0.49 -30.91 34.52
N ARG A 266 1.17 -31.04 35.67
CA ARG A 266 2.62 -30.88 35.73
C ARG A 266 3.28 -31.93 34.81
N ARG A 267 2.74 -33.16 34.84
CA ARG A 267 3.27 -34.26 34.05
C ARG A 267 3.06 -33.98 32.55
N ILE A 268 1.83 -33.59 32.20
CA ILE A 268 1.48 -33.31 30.81
C ILE A 268 2.38 -32.20 30.29
N ALA A 269 2.60 -31.17 31.12
CA ALA A 269 3.40 -30.00 30.76
C ALA A 269 4.84 -30.44 30.45
N GLN A 270 5.37 -31.35 31.27
CA GLN A 270 6.75 -31.84 31.12
C GLN A 270 6.87 -32.66 29.84
N GLU A 271 5.93 -33.61 29.66
CA GLU A 271 6.01 -34.62 28.62
C GLU A 271 5.76 -34.01 27.24
N THR A 272 5.01 -32.90 27.19
CA THR A 272 4.62 -32.28 25.92
C THR A 272 5.31 -30.91 25.76
N LYS A 273 6.16 -30.55 26.73
CA LYS A 273 6.84 -29.26 26.75
C LYS A 273 5.83 -28.14 26.49
N SER A 274 4.79 -28.09 27.32
CA SER A 274 3.72 -27.10 27.21
C SER A 274 3.81 -26.08 28.34
N GLN A 275 3.44 -24.83 28.03
CA GLN A 275 3.20 -23.79 29.02
C GLN A 275 1.90 -24.12 29.75
N VAL A 276 1.82 -23.74 31.03
CA VAL A 276 0.58 -23.85 31.79
C VAL A 276 0.05 -22.44 32.05
N TRP A 277 -1.17 -22.18 31.55
CA TRP A 277 -1.86 -20.92 31.74
C TRP A 277 -2.88 -21.07 32.88
N PHE A 278 -2.63 -20.35 33.98
CA PHE A 278 -3.40 -20.48 35.21
C PHE A 278 -4.73 -19.73 35.06
N GLY A 279 -5.64 -19.99 35.99
CA GLY A 279 -6.99 -19.43 35.97
C GLY A 279 -7.00 -17.93 36.21
N HIS A 280 -6.23 -17.48 37.21
CA HIS A 280 -6.34 -16.10 37.72
C HIS A 280 -4.99 -15.59 38.25
N ASP A 281 -3.93 -15.72 37.46
CA ASP A 281 -2.61 -15.25 37.86
C ASP A 281 -2.36 -13.86 37.28
N ALA A 282 -2.38 -12.85 38.16
CA ALA A 282 -2.25 -11.44 37.76
C ALA A 282 -0.92 -11.20 37.05
N GLU A 283 0.15 -11.81 37.58
N GLU A 283 0.15 -11.79 37.59
CA GLU A 283 1.51 -11.62 37.05
CA GLU A 283 1.49 -11.61 37.05
C GLU A 283 1.60 -12.22 35.65
C GLU A 283 1.58 -12.21 35.64
N GLN A 284 1.11 -13.46 35.51
CA GLN A 284 1.15 -14.18 34.24
C GLN A 284 0.31 -13.44 33.20
N PHE A 285 -0.86 -12.93 33.64
CA PHE A 285 -1.81 -12.30 32.74
C PHE A 285 -1.21 -11.03 32.13
N LYS A 286 -0.42 -10.29 32.94
N LYS A 286 -0.43 -10.30 32.95
CA LYS A 286 0.20 -9.05 32.49
CA LYS A 286 0.23 -9.07 32.53
C LYS A 286 1.15 -9.35 31.31
C LYS A 286 1.12 -9.36 31.32
N LYS A 287 1.77 -10.53 31.35
CA LYS A 287 2.78 -10.90 30.36
C LYS A 287 2.11 -11.43 29.08
N PHE A 288 0.83 -11.80 29.17
CA PHE A 288 0.08 -12.27 28.00
C PHE A 288 -0.03 -11.16 26.96
N ARG A 289 0.01 -11.57 25.69
CA ARG A 289 -0.41 -10.73 24.57
C ARG A 289 -1.93 -10.81 24.47
N LYS A 290 -2.60 -9.71 24.81
N LYS A 290 -2.61 -9.71 24.82
CA LYS A 290 -4.05 -9.62 24.86
CA LYS A 290 -4.07 -9.69 24.86
C LYS A 290 -4.61 -9.38 23.46
C LYS A 290 -4.63 -9.30 23.48
N SER A 291 -5.94 -9.46 23.34
CA SER A 291 -6.64 -9.35 22.06
C SER A 291 -6.54 -7.94 21.46
N THR A 292 -6.08 -6.98 22.28
CA THR A 292 -5.93 -5.60 21.85
C THR A 292 -4.52 -5.39 21.26
N GLU A 293 -3.67 -6.41 21.40
CA GLU A 293 -2.27 -6.34 20.97
C GLU A 293 -1.98 -7.41 19.91
N GLY A 294 -2.64 -8.57 20.02
CA GLY A 294 -2.47 -9.62 19.03
C GLY A 294 -2.92 -10.98 19.54
N TYR A 295 -2.14 -12.01 19.20
CA TYR A 295 -2.56 -13.40 19.28
C TYR A 295 -1.33 -14.32 19.31
N TYR A 296 -1.59 -15.61 19.48
CA TYR A 296 -0.58 -16.65 19.43
C TYR A 296 -0.87 -17.59 18.25
N GLU A 297 0.16 -17.81 17.43
N GLU A 297 0.31 -17.67 17.31
CA GLU A 297 0.07 -18.67 16.26
CA GLU A 297 0.30 -18.70 16.23
C GLU A 297 0.82 -19.98 16.55
C GLU A 297 1.21 -19.88 16.62
N ALA B 22 -13.14 5.38 14.92
CA ALA B 22 -12.68 4.14 14.24
C ALA B 22 -11.63 3.43 15.11
N ARG B 23 -11.64 2.09 15.06
CA ARG B 23 -10.69 1.26 15.79
C ARG B 23 -9.94 0.37 14.81
N PRO B 24 -8.98 0.92 14.05
CA PRO B 24 -8.21 0.13 13.09
C PRO B 24 -7.17 -0.76 13.77
N LYS B 25 -6.67 -1.73 13.01
CA LYS B 25 -5.54 -2.56 13.42
C LYS B 25 -4.42 -2.39 12.38
N LEU B 26 -3.22 -2.07 12.86
CA LEU B 26 -2.06 -1.86 12.01
C LEU B 26 -1.10 -3.03 12.16
N TYR B 27 -0.72 -3.62 11.02
CA TYR B 27 0.14 -4.80 10.96
C TYR B 27 1.48 -4.45 10.31
N VAL B 28 2.56 -4.96 10.89
CA VAL B 28 3.90 -4.91 10.30
C VAL B 28 4.21 -6.30 9.73
N MET B 29 4.45 -6.35 8.42
CA MET B 29 4.64 -7.63 7.72
C MET B 29 6.10 -7.74 7.26
N ASP B 30 6.75 -8.81 7.72
CA ASP B 30 8.15 -9.11 7.43
C ASP B 30 8.26 -9.71 6.02
N ASN B 31 8.91 -8.98 5.11
CA ASN B 31 9.04 -9.38 3.71
C ASN B 31 10.51 -9.68 3.39
N GLY B 32 11.25 -10.17 4.38
CA GLY B 32 12.59 -10.72 4.17
C GLY B 32 13.68 -9.70 4.46
N ARG B 33 14.87 -9.98 3.92
CA ARG B 33 16.07 -9.24 4.23
C ARG B 33 16.83 -8.91 2.94
N MET B 34 17.50 -7.76 2.94
CA MET B 34 18.36 -7.34 1.85
C MET B 34 19.74 -6.97 2.40
N ARG B 35 20.76 -7.11 1.54
CA ARG B 35 22.12 -6.69 1.86
C ARG B 35 22.60 -5.74 0.76
N MET B 36 23.48 -4.80 1.14
CA MET B 36 24.12 -3.92 0.18
C MET B 36 25.29 -3.20 0.86
N ASP B 37 26.16 -2.63 0.03
CA ASP B 37 27.27 -1.79 0.46
C ASP B 37 26.73 -0.75 1.46
N LYS B 38 27.40 -0.64 2.62
CA LYS B 38 26.94 0.28 3.65
C LYS B 38 27.02 1.72 3.15
N ASN B 39 27.85 1.95 2.12
CA ASN B 39 28.05 3.28 1.57
C ASN B 39 26.75 3.77 0.91
N TRP B 40 25.91 2.84 0.46
CA TRP B 40 24.58 3.16 -0.06
C TRP B 40 23.74 3.76 1.08
N MET B 41 23.86 3.18 2.26
N MET B 41 23.87 3.18 2.27
CA MET B 41 23.03 3.52 3.42
CA MET B 41 23.03 3.52 3.42
C MET B 41 23.53 4.82 4.05
C MET B 41 23.52 4.81 4.06
N ILE B 42 24.84 4.89 4.28
CA ILE B 42 25.48 6.05 4.91
C ILE B 42 26.67 6.49 4.04
N ALA B 43 26.53 7.65 3.40
CA ALA B 43 27.53 8.16 2.47
C ALA B 43 28.87 8.33 3.18
N MET B 44 29.94 7.81 2.55
CA MET B 44 31.31 7.99 3.02
C MET B 44 31.40 7.63 4.51
N HIS B 45 30.91 6.44 4.85
CA HIS B 45 30.79 6.00 6.24
C HIS B 45 32.18 5.69 6.83
N ASN B 46 33.14 5.37 5.96
CA ASN B 46 34.48 4.98 6.39
C ASN B 46 35.50 5.38 5.33
N PRO B 47 35.80 6.69 5.18
CA PRO B 47 36.68 7.17 4.12
C PRO B 47 38.11 6.64 4.24
N ALA B 48 38.77 6.43 3.10
CA ALA B 48 40.17 6.07 3.06
C ALA B 48 41.00 7.20 3.67
N THR B 49 42.11 6.82 4.33
CA THR B 49 43.05 7.77 4.91
C THR B 49 44.47 7.39 4.48
N ILE B 50 45.44 8.22 4.89
CA ILE B 50 46.84 8.03 4.51
C ILE B 50 47.37 6.76 5.17
N HIS B 51 46.69 6.31 6.24
N HIS B 51 46.69 6.30 6.24
CA HIS B 51 47.08 5.12 6.99
CA HIS B 51 47.09 5.11 6.97
C HIS B 51 46.17 3.95 6.61
C HIS B 51 46.18 3.94 6.60
N ASN B 52 45.08 4.24 5.88
CA ASN B 52 44.14 3.22 5.40
C ASN B 52 43.68 3.61 4.00
N PRO B 53 44.59 3.60 3.00
CA PRO B 53 44.27 4.08 1.65
C PRO B 53 43.36 3.16 0.84
N ASN B 54 43.20 1.91 1.27
CA ASN B 54 42.39 0.92 0.58
C ASN B 54 41.25 0.49 1.51
N ALA B 55 40.75 1.45 2.30
CA ALA B 55 39.69 1.23 3.26
C ALA B 55 38.63 0.29 2.67
N GLN B 56 38.20 -0.69 3.48
CA GLN B 56 37.19 -1.65 3.09
C GLN B 56 35.82 -1.18 3.58
N THR B 57 34.79 -1.42 2.77
CA THR B 57 33.41 -1.19 3.15
C THR B 57 32.89 -2.47 3.83
N GLU B 58 31.58 -2.52 4.06
CA GLU B 58 30.93 -3.70 4.61
C GLU B 58 29.59 -3.92 3.91
N PHE B 59 29.13 -5.17 3.95
CA PHE B 59 27.90 -5.61 3.29
C PHE B 59 26.84 -5.85 4.37
N VAL B 60 26.01 -4.84 4.62
CA VAL B 60 25.09 -4.81 5.77
C VAL B 60 23.74 -5.38 5.35
N GLU B 61 23.07 -6.04 6.31
CA GLU B 61 21.74 -6.62 6.11
C GLU B 61 20.70 -5.71 6.80
N PHE B 62 19.54 -5.60 6.17
CA PHE B 62 18.45 -4.77 6.67
C PHE B 62 17.12 -5.37 6.25
N PRO B 63 16.01 -5.08 6.98
CA PRO B 63 14.70 -5.65 6.66
C PRO B 63 13.95 -4.91 5.54
N ILE B 64 13.21 -5.69 4.74
CA ILE B 64 12.19 -5.19 3.84
C ILE B 64 10.83 -5.49 4.49
N TYR B 65 10.00 -4.45 4.67
CA TYR B 65 8.71 -4.65 5.33
C TYR B 65 7.64 -3.74 4.72
N THR B 66 6.39 -4.12 4.99
CA THR B 66 5.21 -3.40 4.55
C THR B 66 4.27 -3.25 5.74
N VAL B 67 3.32 -2.32 5.64
CA VAL B 67 2.37 -2.04 6.71
C VAL B 67 0.96 -2.11 6.14
N LEU B 68 0.12 -2.95 6.76
CA LEU B 68 -1.29 -3.02 6.47
C LEU B 68 -2.06 -2.32 7.59
N ILE B 69 -2.89 -1.34 7.21
CA ILE B 69 -3.84 -0.74 8.13
C ILE B 69 -5.23 -1.27 7.80
N ASP B 70 -5.74 -2.17 8.65
CA ASP B 70 -7.09 -2.68 8.54
C ASP B 70 -8.05 -1.66 9.16
N HIS B 71 -8.54 -0.73 8.33
CA HIS B 71 -9.35 0.39 8.75
C HIS B 71 -10.81 0.10 8.43
N PRO B 72 -11.76 0.57 9.28
CA PRO B 72 -13.19 0.36 9.01
C PRO B 72 -13.62 0.96 7.66
N GLU B 73 -12.89 1.96 7.18
CA GLU B 73 -13.22 2.66 5.93
C GLU B 73 -12.63 1.89 4.75
N GLY B 74 -11.73 0.95 5.03
CA GLY B 74 -11.07 0.16 4.00
C GLY B 74 -9.62 -0.14 4.35
N LYS B 75 -9.12 -1.25 3.81
CA LYS B 75 -7.75 -1.70 4.06
C LYS B 75 -6.78 -0.85 3.25
N ILE B 76 -5.75 -0.33 3.95
CA ILE B 76 -4.72 0.51 3.36
C ILE B 76 -3.38 -0.21 3.52
N LEU B 77 -2.66 -0.34 2.39
CA LEU B 77 -1.35 -0.97 2.36
C LEU B 77 -0.29 0.08 2.04
N PHE B 78 0.73 0.15 2.89
CA PHE B 78 1.88 1.03 2.68
C PHE B 78 3.06 0.18 2.19
N ASP B 79 3.51 0.43 0.95
CA ASP B 79 4.62 -0.28 0.31
C ASP B 79 4.19 -1.73 0.01
N THR B 80 4.97 -2.42 -0.82
CA THR B 80 4.60 -3.75 -1.31
C THR B 80 5.81 -4.69 -1.40
N SER B 81 6.96 -4.25 -0.88
CA SER B 81 8.20 -5.05 -0.84
C SER B 81 8.64 -5.44 -2.26
N CYS B 82 9.31 -6.59 -2.38
CA CYS B 82 9.90 -7.07 -3.64
C CYS B 82 8.99 -8.11 -4.28
N ASN B 83 9.07 -8.21 -5.62
CA ASN B 83 8.33 -9.22 -6.35
C ASN B 83 8.95 -10.59 -6.07
N PRO B 84 8.12 -11.63 -5.84
CA PRO B 84 8.62 -12.98 -5.58
C PRO B 84 9.58 -13.53 -6.66
N ASN B 85 9.50 -12.94 -7.87
N ASN B 85 9.49 -12.99 -7.88
CA ASN B 85 10.23 -13.40 -9.04
CA ASN B 85 10.30 -13.50 -8.99
C ASN B 85 11.44 -12.50 -9.30
C ASN B 85 11.41 -12.49 -9.30
N SER B 86 11.98 -11.89 -8.25
CA SER B 86 13.05 -10.91 -8.38
C SER B 86 14.39 -11.61 -8.62
N MET B 87 14.75 -12.52 -7.71
CA MET B 87 16.08 -13.14 -7.68
C MET B 87 16.08 -14.41 -8.54
N GLY B 88 17.29 -14.84 -8.93
CA GLY B 88 17.50 -16.09 -9.65
C GLY B 88 17.88 -15.87 -11.11
N PRO B 89 18.34 -16.92 -11.82
CA PRO B 89 18.71 -16.81 -13.23
C PRO B 89 17.51 -16.46 -14.13
N GLN B 90 16.32 -16.76 -13.63
N GLN B 90 16.31 -16.78 -13.66
CA GLN B 90 15.06 -16.51 -14.32
CA GLN B 90 15.08 -16.45 -14.39
C GLN B 90 14.33 -15.34 -13.65
C GLN B 90 14.33 -15.35 -13.63
N GLY B 91 15.07 -14.58 -12.83
CA GLY B 91 14.51 -13.47 -12.06
C GLY B 91 14.36 -12.22 -12.89
N ARG B 92 13.54 -11.28 -12.39
CA ARG B 92 13.25 -10.02 -13.08
C ARG B 92 14.43 -9.06 -12.92
N TRP B 93 15.09 -9.11 -11.76
CA TRP B 93 16.22 -8.24 -11.44
C TRP B 93 17.42 -8.61 -12.31
N ALA B 94 18.10 -7.58 -12.84
CA ALA B 94 19.34 -7.77 -13.58
C ALA B 94 20.38 -8.40 -12.63
N GLU B 95 21.37 -9.08 -13.22
N GLU B 95 21.35 -9.10 -13.20
CA GLU B 95 22.38 -9.81 -12.47
CA GLU B 95 22.37 -9.81 -12.42
C GLU B 95 23.14 -8.84 -11.55
C GLU B 95 23.11 -8.81 -11.52
N SER B 96 23.52 -7.68 -12.10
CA SER B 96 24.27 -6.66 -11.37
C SER B 96 23.48 -6.24 -10.12
N THR B 97 22.17 -6.10 -10.29
CA THR B 97 21.26 -5.68 -9.22
C THR B 97 21.21 -6.77 -8.14
N GLN B 98 21.16 -8.03 -8.57
CA GLN B 98 21.05 -9.17 -7.66
C GLN B 98 22.32 -9.28 -6.81
N GLN B 99 23.46 -8.88 -7.37
CA GLN B 99 24.75 -9.04 -6.72
C GLN B 99 25.01 -7.87 -5.76
N MET B 100 24.41 -6.71 -6.06
CA MET B 100 24.63 -5.49 -5.29
C MET B 100 23.57 -5.34 -4.19
N PHE B 101 22.36 -5.84 -4.46
CA PHE B 101 21.22 -5.67 -3.56
C PHE B 101 20.49 -7.00 -3.40
N PRO B 102 21.19 -8.08 -3.00
CA PRO B 102 20.57 -9.40 -2.91
C PRO B 102 19.44 -9.44 -1.87
N TRP B 103 18.28 -9.96 -2.28
CA TRP B 103 17.11 -10.11 -1.43
C TRP B 103 16.95 -11.59 -1.05
N THR B 104 16.90 -11.85 0.26
CA THR B 104 16.67 -13.19 0.78
C THR B 104 15.33 -13.23 1.51
N ALA B 105 14.44 -14.13 1.07
CA ALA B 105 13.10 -14.25 1.62
C ALA B 105 12.59 -15.68 1.43
N THR B 106 12.06 -16.26 2.52
CA THR B 106 11.34 -17.52 2.47
C THR B 106 9.94 -17.24 1.88
N GLU B 107 9.23 -18.30 1.52
CA GLU B 107 7.91 -18.20 0.90
C GLU B 107 6.95 -17.45 1.82
N GLU B 108 7.13 -17.63 3.13
N GLU B 108 7.12 -17.63 3.13
CA GLU B 108 6.27 -17.04 4.15
CA GLU B 108 6.25 -17.04 4.14
C GLU B 108 6.41 -15.52 4.12
C GLU B 108 6.42 -15.51 4.14
N CYS B 109 7.52 -15.04 3.54
CA CYS B 109 7.87 -13.62 3.56
C CYS B 109 7.24 -12.87 2.38
N TYR B 110 6.84 -13.60 1.33
CA TYR B 110 6.17 -12.99 0.18
C TYR B 110 4.91 -12.28 0.68
N LEU B 111 4.70 -11.04 0.19
CA LEU B 111 3.61 -10.19 0.63
C LEU B 111 2.27 -10.95 0.50
N HIS B 112 2.09 -11.64 -0.64
CA HIS B 112 0.85 -12.35 -0.93
C HIS B 112 0.52 -13.32 0.23
N ASN B 113 1.56 -13.98 0.74
CA ASN B 113 1.42 -15.00 1.77
C ASN B 113 1.22 -14.33 3.13
N ARG B 114 1.94 -13.23 3.37
CA ARG B 114 1.80 -12.47 4.61
C ARG B 114 0.35 -12.01 4.75
N LEU B 115 -0.24 -11.55 3.63
CA LEU B 115 -1.61 -11.05 3.61
C LEU B 115 -2.59 -12.23 3.80
N GLU B 116 -2.32 -13.33 3.11
CA GLU B 116 -3.19 -14.51 3.13
C GLU B 116 -3.35 -15.01 4.55
N GLN B 117 -2.28 -14.93 5.35
CA GLN B 117 -2.26 -15.45 6.71
C GLN B 117 -3.07 -14.53 7.63
N LEU B 118 -3.45 -13.36 7.11
CA LEU B 118 -4.29 -12.41 7.84
C LEU B 118 -5.73 -12.47 7.31
N LYS B 119 -5.97 -13.40 6.38
CA LYS B 119 -7.27 -13.56 5.76
C LYS B 119 -7.57 -12.36 4.86
N VAL B 120 -6.51 -11.80 4.26
CA VAL B 120 -6.63 -10.64 3.38
C VAL B 120 -6.18 -11.05 1.97
N ARG B 121 -7.11 -10.93 1.02
CA ARG B 121 -6.83 -11.14 -0.39
C ARG B 121 -6.40 -9.80 -1.00
N PRO B 122 -5.56 -9.82 -2.06
CA PRO B 122 -5.17 -8.59 -2.73
C PRO B 122 -6.38 -7.72 -3.12
N GLU B 123 -7.47 -8.36 -3.53
N GLU B 123 -7.47 -8.36 -3.52
CA GLU B 123 -8.67 -7.68 -4.02
CA GLU B 123 -8.67 -7.68 -4.02
C GLU B 123 -9.36 -6.95 -2.87
C GLU B 123 -9.37 -6.97 -2.86
N ASP B 124 -8.91 -7.22 -1.64
CA ASP B 124 -9.54 -6.66 -0.44
C ASP B 124 -8.93 -5.30 -0.10
N ILE B 125 -7.84 -4.94 -0.79
CA ILE B 125 -7.12 -3.69 -0.51
C ILE B 125 -7.77 -2.54 -1.28
N ARG B 126 -8.14 -1.48 -0.56
CA ARG B 126 -8.80 -0.31 -1.13
C ARG B 126 -7.73 0.67 -1.66
N TYR B 127 -6.73 0.95 -0.82
CA TYR B 127 -5.66 1.89 -1.15
C TYR B 127 -4.29 1.24 -0.94
N VAL B 128 -3.41 1.41 -1.93
CA VAL B 128 -1.99 1.13 -1.79
C VAL B 128 -1.24 2.47 -1.90
N VAL B 129 -0.47 2.79 -0.86
CA VAL B 129 0.39 3.95 -0.87
C VAL B 129 1.82 3.49 -1.20
N ALA B 130 2.31 3.90 -2.38
CA ALA B 130 3.67 3.62 -2.80
C ALA B 130 4.58 4.76 -2.33
N SER B 131 5.39 4.50 -1.30
CA SER B 131 6.34 5.48 -0.79
C SER B 131 7.19 6.01 -1.95
N HIS B 132 7.63 5.07 -2.80
CA HIS B 132 8.30 5.35 -4.07
C HIS B 132 8.31 4.03 -4.87
N LEU B 133 8.96 4.02 -6.03
CA LEU B 133 8.81 2.89 -6.97
C LEU B 133 10.12 2.12 -7.12
N HIS B 134 11.00 2.20 -6.11
CA HIS B 134 12.21 1.38 -6.06
C HIS B 134 11.83 -0.10 -5.95
N LEU B 135 12.79 -0.97 -6.30
CA LEU B 135 12.57 -2.40 -6.49
C LEU B 135 12.08 -3.06 -5.19
N ASP B 136 12.38 -2.43 -4.04
CA ASP B 136 12.14 -3.06 -2.73
C ASP B 136 10.87 -2.51 -2.09
N HIS B 137 10.11 -1.70 -2.84
CA HIS B 137 8.92 -1.04 -2.30
C HIS B 137 7.71 -1.23 -3.22
N ALA B 138 7.96 -1.40 -4.52
CA ALA B 138 6.90 -1.41 -5.53
C ALA B 138 6.83 -2.77 -6.22
N GLY B 139 7.45 -3.78 -5.59
CA GLY B 139 7.65 -5.10 -6.19
C GLY B 139 6.35 -5.83 -6.49
N CYS B 140 5.32 -5.60 -5.67
CA CYS B 140 4.10 -6.40 -5.73
C CYS B 140 2.87 -5.54 -6.05
N LEU B 141 3.10 -4.34 -6.57
CA LEU B 141 2.02 -3.43 -6.94
C LEU B 141 1.01 -4.14 -7.86
N GLU B 142 1.54 -5.01 -8.73
CA GLU B 142 0.77 -5.59 -9.83
C GLU B 142 -0.34 -6.49 -9.29
N MET B 143 -0.29 -6.80 -8.00
CA MET B 143 -1.25 -7.73 -7.36
C MET B 143 -2.57 -7.01 -7.07
N PHE B 144 -2.50 -5.70 -6.87
CA PHE B 144 -3.62 -4.94 -6.29
C PHE B 144 -4.40 -4.24 -7.41
N THR B 145 -5.17 -5.04 -8.15
CA THR B 145 -5.90 -4.59 -9.33
C THR B 145 -7.26 -4.01 -8.92
N ASN B 146 -7.57 -4.05 -7.62
CA ASN B 146 -8.86 -3.59 -7.11
C ASN B 146 -8.67 -2.33 -6.26
N ALA B 147 -7.41 -1.89 -6.15
CA ALA B 147 -7.06 -0.77 -5.28
C ALA B 147 -6.81 0.49 -6.13
N THR B 148 -6.90 1.65 -5.48
CA THR B 148 -6.32 2.88 -5.99
C THR B 148 -4.87 2.94 -5.53
N ILE B 149 -3.94 3.01 -6.49
CA ILE B 149 -2.52 3.09 -6.21
C ILE B 149 -2.13 4.56 -6.12
N ILE B 150 -1.75 4.99 -4.92
CA ILE B 150 -1.35 6.37 -4.66
C ILE B 150 0.17 6.46 -4.71
N VAL B 151 0.67 7.31 -5.63
CA VAL B 151 2.10 7.48 -5.87
C VAL B 151 2.35 8.96 -6.21
N HIS B 152 3.57 9.43 -5.93
CA HIS B 152 3.98 10.77 -6.30
C HIS B 152 4.13 10.84 -7.84
N GLU B 153 3.62 11.92 -8.43
N GLU B 153 3.58 11.91 -8.42
CA GLU B 153 3.57 12.04 -9.90
CA GLU B 153 3.56 12.12 -9.87
C GLU B 153 4.98 12.08 -10.47
C GLU B 153 4.99 12.02 -10.42
N ASP B 154 5.93 12.68 -9.74
CA ASP B 154 7.31 12.78 -10.19
C ASP B 154 7.99 11.40 -10.17
N GLU B 155 7.63 10.57 -9.17
CA GLU B 155 8.18 9.22 -9.07
C GLU B 155 7.61 8.36 -10.20
N PHE B 156 6.31 8.50 -10.44
CA PHE B 156 5.61 7.77 -11.50
C PHE B 156 6.25 8.09 -12.85
N ASN B 157 6.46 9.40 -13.11
CA ASN B 157 7.00 9.88 -14.37
C ASN B 157 8.41 9.31 -14.58
N GLY B 158 9.22 9.35 -13.51
CA GLY B 158 10.60 8.86 -13.55
C GLY B 158 10.68 7.39 -13.90
N ALA B 159 9.86 6.58 -13.21
CA ALA B 159 9.83 5.14 -13.42
C ALA B 159 9.41 4.82 -14.86
N LEU B 160 8.39 5.54 -15.35
CA LEU B 160 7.84 5.29 -16.69
C LEU B 160 8.90 5.63 -17.75
N GLN B 161 9.74 6.64 -17.48
CA GLN B 161 10.82 7.01 -18.40
C GLN B 161 11.86 5.89 -18.44
N CYS B 162 12.14 5.30 -17.28
CA CYS B 162 13.04 4.15 -17.19
C CYS B 162 12.55 3.04 -18.11
N TYR B 163 11.22 2.79 -18.05
CA TYR B 163 10.57 1.76 -18.83
C TYR B 163 10.65 2.08 -20.32
N ALA B 164 10.30 3.31 -20.67
CA ALA B 164 10.22 3.75 -22.07
C ALA B 164 11.61 3.79 -22.70
N ARG B 165 12.63 4.01 -21.86
CA ARG B 165 14.03 4.12 -22.30
C ARG B 165 14.68 2.73 -22.28
N ASN B 166 13.92 1.73 -21.82
CA ASN B 166 14.35 0.34 -21.81
C ASN B 166 15.59 0.18 -20.92
N GLN B 167 15.60 0.90 -19.80
N GLN B 167 15.61 0.91 -19.80
CA GLN B 167 16.63 0.73 -18.77
CA GLN B 167 16.63 0.77 -18.78
C GLN B 167 16.35 -0.58 -18.03
C GLN B 167 16.41 -0.56 -18.04
N LYS B 168 17.24 -1.56 -18.23
N LYS B 168 17.33 -1.51 -18.24
CA LYS B 168 17.07 -2.91 -17.69
CA LYS B 168 17.17 -2.87 -17.76
C LYS B 168 17.99 -3.09 -16.47
C LYS B 168 17.98 -3.07 -16.48
N GLU B 169 18.66 -2.01 -16.06
N GLU B 169 18.70 -2.02 -16.08
CA GLU B 169 19.43 -1.99 -14.82
CA GLU B 169 19.46 -1.98 -14.83
C GLU B 169 18.96 -0.81 -13.97
C GLU B 169 18.95 -0.83 -13.97
N GLY B 170 19.44 -0.76 -12.73
CA GLY B 170 19.08 0.31 -11.80
C GLY B 170 18.05 -0.16 -10.79
N ALA B 171 17.51 0.80 -10.03
CA ALA B 171 16.64 0.52 -8.89
C ALA B 171 15.18 0.44 -9.33
N TYR B 172 14.93 0.68 -10.63
CA TYR B 172 13.59 0.59 -11.21
C TYR B 172 13.53 -0.61 -12.16
N ILE B 173 12.70 -1.59 -11.80
CA ILE B 173 12.70 -2.91 -12.43
C ILE B 173 11.75 -2.89 -13.63
N TRP B 174 12.32 -3.05 -14.82
CA TRP B 174 11.60 -2.97 -16.08
C TRP B 174 10.40 -3.92 -16.07
N ALA B 175 10.63 -5.17 -15.63
CA ALA B 175 9.63 -6.23 -15.67
C ALA B 175 8.48 -5.92 -14.70
N ASP B 176 8.80 -5.29 -13.57
CA ASP B 176 7.80 -4.90 -12.58
C ASP B 176 6.85 -3.87 -13.22
N ILE B 177 7.43 -2.85 -13.86
CA ILE B 177 6.68 -1.76 -14.47
C ILE B 177 5.81 -2.33 -15.60
N ASP B 178 6.40 -3.23 -16.38
CA ASP B 178 5.71 -3.93 -17.46
C ASP B 178 4.41 -4.54 -16.92
N ALA B 179 4.51 -5.17 -15.74
CA ALA B 179 3.41 -5.90 -15.13
C ALA B 179 2.33 -4.93 -14.64
N TRP B 180 2.76 -3.77 -14.12
CA TRP B 180 1.79 -2.77 -13.64
C TRP B 180 0.86 -2.37 -14.78
N ILE B 181 1.44 -2.19 -15.97
CA ILE B 181 0.71 -1.68 -17.11
C ILE B 181 -0.19 -2.79 -17.67
N LYS B 182 0.33 -4.02 -17.69
CA LYS B 182 -0.41 -5.18 -18.22
C LYS B 182 -1.61 -5.48 -17.31
N ASN B 183 -1.47 -5.19 -16.01
N ASN B 183 -1.47 -5.19 -16.01
CA ASN B 183 -2.49 -5.55 -15.01
CA ASN B 183 -2.47 -5.55 -15.00
C ASN B 183 -3.46 -4.39 -14.81
C ASN B 183 -3.48 -4.40 -14.83
N ASN B 184 -3.27 -3.32 -15.59
CA ASN B 184 -4.23 -2.21 -15.66
C ASN B 184 -4.49 -1.62 -14.27
N LEU B 185 -3.42 -1.30 -13.54
CA LEU B 185 -3.55 -0.71 -12.21
C LEU B 185 -4.23 0.66 -12.32
N GLN B 186 -4.95 1.03 -11.26
CA GLN B 186 -5.67 2.30 -11.19
C GLN B 186 -4.85 3.28 -10.34
N TRP B 187 -4.29 4.29 -11.02
CA TRP B 187 -3.33 5.21 -10.42
C TRP B 187 -4.02 6.50 -9.98
N ARG B 188 -3.60 7.01 -8.81
CA ARG B 188 -3.90 8.35 -8.36
C ARG B 188 -2.58 9.01 -7.96
N THR B 189 -2.12 9.96 -8.79
CA THR B 189 -0.81 10.58 -8.57
C THR B 189 -0.98 11.80 -7.64
N VAL B 190 -0.06 11.89 -6.67
CA VAL B 190 0.07 13.04 -5.81
C VAL B 190 0.91 14.09 -6.55
N LYS B 191 0.33 15.27 -6.78
CA LYS B 191 0.96 16.32 -7.57
C LYS B 191 2.09 16.97 -6.74
N ARG B 192 3.06 17.56 -7.44
CA ARG B 192 4.27 18.08 -6.83
C ARG B 192 3.93 19.08 -5.74
N HIS B 193 2.96 19.97 -6.00
CA HIS B 193 2.61 21.01 -5.03
C HIS B 193 1.23 20.72 -4.42
N GLU B 194 0.96 19.44 -4.15
CA GLU B 194 -0.32 19.02 -3.58
C GLU B 194 -0.18 18.87 -2.06
N ASP B 195 -1.22 19.28 -1.34
CA ASP B 195 -1.30 19.15 0.11
C ASP B 195 -1.39 17.67 0.49
N ASN B 196 -1.13 17.38 1.77
CA ASN B 196 -1.29 16.04 2.33
C ASN B 196 -2.73 15.57 2.05
N ILE B 197 -2.91 14.25 1.95
CA ILE B 197 -4.19 13.66 1.62
C ILE B 197 -4.73 12.89 2.83
N LEU B 198 -5.94 13.26 3.25
CA LEU B 198 -6.68 12.50 4.26
C LEU B 198 -7.31 11.28 3.58
N LEU B 199 -6.75 10.11 3.87
CA LEU B 199 -7.13 8.85 3.21
C LEU B 199 -8.31 8.23 3.97
N ALA B 200 -8.26 8.35 5.29
CA ALA B 200 -9.28 7.84 6.19
C ALA B 200 -9.12 8.51 7.55
N GLU B 201 -10.06 8.26 8.47
CA GLU B 201 -9.97 8.81 9.81
C GLU B 201 -8.62 8.40 10.43
N GLY B 202 -7.77 9.41 10.64
CA GLY B 202 -6.49 9.24 11.33
C GLY B 202 -5.41 8.66 10.43
N VAL B 203 -5.64 8.70 9.11
CA VAL B 203 -4.64 8.22 8.14
C VAL B 203 -4.44 9.29 7.06
N LYS B 204 -3.22 9.85 7.03
N LYS B 204 -3.23 9.87 7.04
CA LYS B 204 -2.88 10.93 6.13
CA LYS B 204 -2.91 10.94 6.10
C LYS B 204 -1.63 10.56 5.32
C LYS B 204 -1.63 10.57 5.32
N VAL B 205 -1.71 10.74 4.00
CA VAL B 205 -0.57 10.58 3.12
C VAL B 205 0.24 11.88 3.14
N LEU B 206 1.52 11.77 3.49
CA LEU B 206 2.41 12.92 3.55
C LEU B 206 3.16 13.06 2.22
N ASN B 207 3.04 14.22 1.59
CA ASN B 207 3.71 14.51 0.33
C ASN B 207 5.11 15.06 0.63
N PHE B 208 6.10 14.16 0.66
CA PHE B 208 7.48 14.49 1.04
C PHE B 208 8.21 15.14 -0.13
N GLY B 209 7.84 14.76 -1.36
CA GLY B 209 8.46 15.27 -2.57
C GLY B 209 9.82 14.63 -2.83
N SER B 210 10.64 15.32 -3.62
CA SER B 210 11.92 14.81 -4.08
C SER B 210 12.93 14.76 -2.93
N GLY B 211 13.79 13.75 -2.97
CA GLY B 211 14.83 13.52 -1.98
C GLY B 211 15.60 12.25 -2.30
N HIS B 212 15.32 11.19 -1.53
CA HIS B 212 15.86 9.87 -1.77
C HIS B 212 15.65 9.50 -3.25
N ALA B 213 14.41 9.70 -3.71
CA ALA B 213 14.02 9.45 -5.09
C ALA B 213 13.30 10.68 -5.64
N TRP B 214 12.66 10.52 -6.80
CA TRP B 214 12.03 11.63 -7.52
C TRP B 214 10.86 12.19 -6.69
N GLY B 215 10.10 11.30 -6.05
CA GLY B 215 8.90 11.68 -5.30
C GLY B 215 8.59 10.69 -4.20
N MET B 216 8.72 11.15 -2.95
CA MET B 216 8.54 10.30 -1.78
C MET B 216 7.17 10.60 -1.14
N LEU B 217 6.47 9.53 -0.75
CA LEU B 217 5.26 9.63 0.06
C LEU B 217 5.49 8.95 1.41
N GLY B 218 5.02 9.60 2.47
CA GLY B 218 4.98 9.02 3.79
C GLY B 218 3.55 8.83 4.26
N LEU B 219 3.39 8.29 5.47
CA LEU B 219 2.09 8.10 6.07
C LEU B 219 2.14 8.53 7.54
N HIS B 220 1.13 9.29 7.96
CA HIS B 220 0.90 9.52 9.38
C HIS B 220 -0.38 8.79 9.79
N VAL B 221 -0.24 7.93 10.79
CA VAL B 221 -1.34 7.17 11.34
C VAL B 221 -1.55 7.58 12.80
N GLU B 222 -2.80 7.91 13.13
CA GLU B 222 -3.20 8.18 14.51
C GLU B 222 -4.04 7.00 15.01
N LEU B 223 -3.43 6.16 15.85
CA LEU B 223 -4.09 4.99 16.43
C LEU B 223 -4.62 5.36 17.82
N PRO B 224 -5.87 4.96 18.14
CA PRO B 224 -6.47 5.30 19.44
C PRO B 224 -5.64 4.93 20.67
N GLU B 225 -4.99 3.76 20.63
N GLU B 225 -5.01 3.75 20.64
CA GLU B 225 -4.25 3.24 21.79
CA GLU B 225 -4.25 3.22 21.78
C GLU B 225 -2.77 3.56 21.65
C GLU B 225 -2.78 3.58 21.65
N THR B 226 -2.21 3.34 20.46
CA THR B 226 -0.78 3.48 20.21
C THR B 226 -0.39 4.95 20.04
N GLY B 227 -1.29 5.74 19.46
CA GLY B 227 -1.04 7.15 19.17
C GLY B 227 -0.46 7.33 17.77
N GLY B 228 0.42 8.33 17.63
CA GLY B 228 0.93 8.76 16.33
C GLY B 228 2.10 7.93 15.84
N ILE B 229 2.06 7.56 14.56
CA ILE B 229 3.13 6.84 13.88
C ILE B 229 3.37 7.50 12.52
N ILE B 230 4.64 7.80 12.22
CA ILE B 230 5.04 8.28 10.90
C ILE B 230 5.82 7.16 10.18
N LEU B 231 5.27 6.72 9.04
CA LEU B 231 5.97 5.81 8.14
C LEU B 231 6.81 6.64 7.16
N ALA B 232 8.13 6.66 7.38
CA ALA B 232 9.05 7.53 6.68
C ALA B 232 9.55 6.84 5.40
N SER B 233 9.48 5.51 5.37
CA SER B 233 10.10 4.73 4.32
C SER B 233 11.55 5.21 4.15
N ASP B 234 11.98 5.36 2.89
CA ASP B 234 13.39 5.63 2.58
C ASP B 234 13.71 7.12 2.69
N ALA B 235 12.74 7.92 3.15
CA ALA B 235 13.02 9.30 3.50
C ALA B 235 14.05 9.30 4.64
N ILE B 236 14.04 8.21 5.42
CA ILE B 236 15.00 7.99 6.51
C ILE B 236 15.28 6.48 6.61
N TYR B 237 16.47 6.06 6.18
CA TYR B 237 16.87 4.66 6.17
C TYR B 237 16.84 4.10 7.60
N THR B 238 17.61 4.73 8.50
CA THR B 238 17.85 4.20 9.84
C THR B 238 17.95 5.33 10.86
N ALA B 239 18.07 4.96 12.13
CA ALA B 239 18.23 5.90 13.23
C ALA B 239 19.56 6.66 13.03
N GLU B 240 20.54 5.99 12.41
CA GLU B 240 21.84 6.60 12.13
C GLU B 240 21.65 7.73 11.12
N SER B 241 20.79 7.50 10.11
CA SER B 241 20.44 8.52 9.12
C SER B 241 19.81 9.73 9.82
N TYR B 242 18.95 9.43 10.80
CA TYR B 242 18.07 10.40 11.44
C TYR B 242 18.88 11.34 12.34
N GLY B 243 19.86 10.79 13.05
CA GLY B 243 20.66 11.53 14.01
C GLY B 243 19.78 12.17 15.08
N PRO B 244 20.00 13.47 15.34
CA PRO B 244 20.99 14.26 14.61
C PRO B 244 22.41 13.99 15.07
N PRO B 245 23.38 14.39 14.25
CA PRO B 245 23.11 15.06 12.99
C PRO B 245 22.68 14.06 11.90
N ILE B 246 22.09 14.58 10.81
CA ILE B 246 21.65 13.76 9.69
C ILE B 246 22.88 13.18 8.99
N LYS B 247 22.79 11.89 8.66
CA LYS B 247 23.80 11.20 7.87
C LYS B 247 23.13 10.67 6.60
N PRO B 248 23.25 11.41 5.47
CA PRO B 248 22.52 11.07 4.25
C PRO B 248 23.06 9.82 3.56
N PRO B 249 22.25 9.22 2.64
CA PRO B 249 22.67 8.04 1.90
C PRO B 249 23.74 8.35 0.85
N GLY B 250 24.41 7.29 0.36
CA GLY B 250 25.58 7.40 -0.50
C GLY B 250 25.23 7.85 -1.91
N ILE B 251 23.96 7.67 -2.28
CA ILE B 251 23.42 8.17 -3.53
C ILE B 251 22.06 8.80 -3.24
N ILE B 252 21.74 9.87 -3.97
CA ILE B 252 20.63 10.74 -3.61
C ILE B 252 20.19 11.49 -4.87
N TYR B 253 18.87 11.55 -5.12
CA TYR B 253 18.37 12.30 -6.24
C TYR B 253 18.48 13.81 -5.94
N ASP B 254 17.83 14.23 -4.85
CA ASP B 254 17.73 15.63 -4.45
C ASP B 254 18.23 15.78 -3.01
N SER B 255 19.50 16.13 -2.86
CA SER B 255 20.15 16.22 -1.54
C SER B 255 19.45 17.26 -0.66
N LEU B 256 19.11 18.42 -1.24
CA LEU B 256 18.48 19.50 -0.48
C LEU B 256 17.09 19.07 -0.03
N GLY B 257 16.34 18.46 -0.95
CA GLY B 257 15.02 17.93 -0.67
C GLY B 257 15.06 16.86 0.42
N TYR B 258 16.08 15.99 0.34
CA TYR B 258 16.25 14.91 1.29
C TYR B 258 16.41 15.50 2.70
N MET B 259 17.32 16.48 2.83
CA MET B 259 17.65 17.09 4.11
C MET B 259 16.40 17.79 4.67
N ASN B 260 15.69 18.52 3.80
CA ASN B 260 14.49 19.25 4.19
C ASN B 260 13.44 18.27 4.71
N THR B 261 13.31 17.12 4.04
CA THR B 261 12.28 16.14 4.38
C THR B 261 12.56 15.55 5.77
N VAL B 262 13.82 15.21 6.04
CA VAL B 262 14.19 14.62 7.34
C VAL B 262 13.80 15.60 8.45
N GLU B 263 14.12 16.88 8.26
CA GLU B 263 13.88 17.90 9.28
C GLU B 263 12.37 18.13 9.42
N ARG B 264 11.65 18.01 8.31
CA ARG B 264 10.20 18.14 8.30
C ARG B 264 9.59 17.01 9.16
N ILE B 265 10.10 15.80 8.97
CA ILE B 265 9.62 14.63 9.70
C ILE B 265 9.91 14.83 11.19
N ARG B 266 11.09 15.37 11.50
CA ARG B 266 11.49 15.62 12.88
C ARG B 266 10.49 16.58 13.53
N ARG B 267 10.10 17.64 12.79
CA ARG B 267 9.16 18.64 13.28
C ARG B 267 7.79 18.00 13.53
N ILE B 268 7.29 17.27 12.53
CA ILE B 268 5.98 16.63 12.62
C ILE B 268 5.97 15.68 13.83
N ALA B 269 7.04 14.90 13.99
CA ALA B 269 7.15 13.94 15.07
C ALA B 269 7.00 14.65 16.42
N GLN B 270 7.66 15.80 16.54
CA GLN B 270 7.71 16.58 17.78
C GLN B 270 6.32 17.18 18.07
N GLU B 271 5.71 17.74 17.01
CA GLU B 271 4.49 18.52 17.14
C GLU B 271 3.28 17.60 17.39
N THR B 272 3.38 16.35 16.93
CA THR B 272 2.26 15.41 16.98
C THR B 272 2.58 14.26 17.96
N LYS B 273 3.74 14.34 18.62
CA LYS B 273 4.20 13.30 19.54
C LYS B 273 4.07 11.92 18.87
N SER B 274 4.64 11.81 17.66
CA SER B 274 4.56 10.59 16.86
C SER B 274 5.91 9.86 16.90
N GLN B 275 5.84 8.52 16.84
CA GLN B 275 7.00 7.69 16.57
C GLN B 275 7.33 7.79 15.08
N VAL B 276 8.62 7.67 14.74
CA VAL B 276 9.07 7.61 13.36
C VAL B 276 9.59 6.21 13.08
N TRP B 277 8.93 5.52 12.14
CA TRP B 277 9.32 4.20 11.69
C TRP B 277 10.16 4.34 10.42
N PHE B 278 11.44 3.94 10.52
CA PHE B 278 12.40 4.12 9.45
C PHE B 278 12.19 3.06 8.36
N GLY B 279 12.80 3.28 7.21
CA GLY B 279 12.64 2.42 6.05
C GLY B 279 13.24 1.04 6.27
N HIS B 280 14.46 1.01 6.82
CA HIS B 280 15.27 -0.21 6.82
C HIS B 280 16.19 -0.26 8.05
N ASP B 281 15.63 -0.05 9.25
CA ASP B 281 16.42 -0.08 10.48
C ASP B 281 16.27 -1.45 11.15
N ALA B 282 17.32 -2.25 11.08
CA ALA B 282 17.31 -3.64 11.54
C ALA B 282 16.99 -3.69 13.04
N GLU B 283 17.55 -2.75 13.80
N GLU B 283 17.57 -2.76 13.80
CA GLU B 283 17.42 -2.73 15.26
CA GLU B 283 17.42 -2.72 15.26
C GLU B 283 15.98 -2.35 15.63
C GLU B 283 15.96 -2.37 15.62
N GLN B 284 15.43 -1.35 14.95
CA GLN B 284 14.06 -0.88 15.20
C GLN B 284 13.07 -1.98 14.81
N PHE B 285 13.33 -2.61 13.67
CA PHE B 285 12.43 -3.62 13.10
C PHE B 285 12.37 -4.85 14.04
N LYS B 286 13.43 -5.13 14.75
N LYS B 286 13.41 -5.11 14.78
CA LYS B 286 13.47 -6.22 15.72
CA LYS B 286 13.46 -6.24 15.70
C LYS B 286 12.44 -5.99 16.82
C LYS B 286 12.49 -5.99 16.86
N LYS B 287 12.30 -4.75 17.22
CA LYS B 287 11.44 -4.31 18.34
C LYS B 287 9.97 -4.28 17.92
N PHE B 288 9.65 -4.28 16.62
CA PHE B 288 8.24 -4.19 16.19
C PHE B 288 7.50 -5.48 16.54
N ARG B 289 6.18 -5.38 16.74
CA ARG B 289 5.30 -6.55 16.77
C ARG B 289 4.91 -6.85 15.33
N LYS B 290 5.25 -8.06 14.87
N LYS B 290 5.26 -8.05 14.83
CA LYS B 290 5.04 -8.49 13.48
CA LYS B 290 5.00 -8.40 13.44
C LYS B 290 3.65 -9.14 13.35
C LYS B 290 3.69 -9.19 13.34
N SER B 291 3.21 -9.33 12.10
CA SER B 291 1.87 -9.82 11.79
C SER B 291 1.68 -11.26 12.28
N THR B 292 2.77 -11.91 12.70
CA THR B 292 2.72 -13.29 13.17
C THR B 292 2.41 -13.33 14.67
N GLU B 293 2.48 -12.16 15.33
N GLU B 293 2.48 -12.16 15.32
CA GLU B 293 2.29 -12.05 16.77
CA GLU B 293 2.30 -12.05 16.77
C GLU B 293 1.12 -11.11 17.10
C GLU B 293 1.13 -11.11 17.10
N GLY B 294 0.83 -10.17 16.19
CA GLY B 294 -0.29 -9.26 16.38
C GLY B 294 -0.19 -7.97 15.59
N TYR B 295 -0.63 -6.88 16.22
CA TYR B 295 -0.95 -5.64 15.55
C TYR B 295 -0.90 -4.47 16.55
N TYR B 296 -1.05 -3.25 16.02
CA TYR B 296 -1.13 -2.04 16.82
C TYR B 296 -2.54 -1.44 16.69
N GLU B 297 -3.13 -1.11 17.84
N GLU B 297 -3.35 -1.16 17.92
CA GLU B 297 -4.45 -0.50 17.89
CA GLU B 297 -4.61 -0.40 18.00
C GLU B 297 -4.33 0.95 18.37
C GLU B 297 -4.34 0.98 18.61
N ALA C 22 27.20 27.00 -43.72
CA ALA C 22 26.26 25.87 -43.98
C ALA C 22 25.22 26.29 -45.04
N ARG C 23 25.04 25.43 -46.05
CA ARG C 23 24.05 25.65 -47.10
C ARG C 23 22.97 24.58 -46.99
N PRO C 24 22.08 24.67 -45.99
CA PRO C 24 21.04 23.66 -45.78
C PRO C 24 19.86 23.82 -46.74
N LYS C 25 19.14 22.73 -46.98
CA LYS C 25 17.91 22.70 -47.77
C LYS C 25 16.75 22.29 -46.86
N LEU C 26 15.67 23.06 -46.89
CA LEU C 26 14.49 22.81 -46.07
C LEU C 26 13.32 22.39 -46.96
N TYR C 27 12.72 21.23 -46.63
CA TYR C 27 11.62 20.65 -47.40
C TYR C 27 10.34 20.63 -46.56
N VAL C 28 9.22 21.01 -47.18
CA VAL C 28 7.90 20.88 -46.60
C VAL C 28 7.21 19.66 -47.21
N MET C 29 6.81 18.72 -46.36
CA MET C 29 6.25 17.44 -46.80
C MET C 29 4.77 17.35 -46.40
N ASP C 30 3.93 17.15 -47.43
CA ASP C 30 2.47 17.07 -47.31
C ASP C 30 2.09 15.68 -46.80
N ASN C 31 1.52 15.62 -45.60
CA ASN C 31 1.18 14.35 -44.94
C ASN C 31 -0.34 14.21 -44.80
N GLY C 32 -1.07 14.80 -45.76
CA GLY C 32 -2.51 14.59 -45.87
C GLY C 32 -3.31 15.68 -45.16
N ARG C 33 -4.59 15.41 -44.94
CA ARG C 33 -5.54 16.37 -44.38
C ARG C 33 -6.26 15.74 -43.18
N MET C 34 -6.70 16.60 -42.27
CA MET C 34 -7.52 16.20 -41.13
C MET C 34 -8.74 17.13 -41.07
N ARG C 35 -9.82 16.63 -40.44
CA ARG C 35 -11.01 17.43 -40.21
C ARG C 35 -11.39 17.32 -38.73
N MET C 36 -12.03 18.37 -38.21
CA MET C 36 -12.55 18.38 -36.85
C MET C 36 -13.46 19.60 -36.65
N ASP C 37 -14.22 19.56 -35.55
CA ASP C 37 -15.04 20.67 -35.08
C ASP C 37 -14.16 21.93 -35.03
N LYS C 38 -14.64 23.00 -35.65
CA LYS C 38 -13.88 24.24 -35.73
C LYS C 38 -13.68 24.81 -34.32
N ASN C 39 -14.51 24.36 -33.37
CA ASN C 39 -14.45 24.84 -31.99
C ASN C 39 -13.13 24.37 -31.35
N TRP C 40 -12.61 23.23 -31.81
CA TRP C 40 -11.29 22.75 -31.37
C TRP C 40 -10.23 23.79 -31.74
N MET C 41 -10.36 24.31 -32.97
N MET C 41 -10.36 24.33 -32.97
CA MET C 41 -9.37 25.22 -33.55
CA MET C 41 -9.37 25.22 -33.55
C MET C 41 -9.50 26.62 -32.91
C MET C 41 -9.50 26.62 -32.94
N ILE C 42 -10.73 27.13 -32.91
CA ILE C 42 -11.02 28.47 -32.43
C ILE C 42 -12.17 28.38 -31.41
N ALA C 43 -11.84 28.57 -30.13
CA ALA C 43 -12.80 28.42 -29.04
C ALA C 43 -13.98 29.39 -29.24
N MET C 44 -15.19 28.86 -29.09
CA MET C 44 -16.43 29.65 -29.11
C MET C 44 -16.46 30.55 -30.35
N HIS C 45 -16.18 29.95 -31.52
CA HIS C 45 -16.04 30.70 -32.77
C HIS C 45 -17.40 31.24 -33.24
N ASN C 46 -18.49 30.57 -32.84
CA ASN C 46 -19.83 30.94 -33.26
C ASN C 46 -20.82 30.66 -32.13
N PRO C 47 -20.83 31.48 -31.06
CA PRO C 47 -21.67 31.21 -29.88
C PRO C 47 -23.17 31.31 -30.17
N ALA C 48 -23.95 30.46 -29.51
CA ALA C 48 -25.40 30.51 -29.57
C ALA C 48 -25.88 31.86 -29.05
N THR C 49 -26.99 32.35 -29.63
CA THR C 49 -27.63 33.59 -29.21
C THR C 49 -29.13 33.35 -29.07
N ILE C 50 -29.84 34.36 -28.54
CA ILE C 50 -31.27 34.25 -28.28
C ILE C 50 -32.01 34.07 -29.60
N HIS C 51 -31.40 34.54 -30.69
N HIS C 51 -31.41 34.53 -30.70
CA HIS C 51 -31.99 34.46 -32.03
CA HIS C 51 -32.01 34.44 -32.02
C HIS C 51 -31.46 33.21 -32.76
C HIS C 51 -31.44 33.22 -32.78
N ASN C 52 -30.31 32.70 -32.30
CA ASN C 52 -29.71 31.51 -32.89
C ASN C 52 -29.31 30.55 -31.75
N PRO C 53 -30.30 30.01 -31.00
CA PRO C 53 -30.01 29.23 -29.80
C PRO C 53 -29.48 27.81 -30.09
N ASN C 54 -29.66 27.35 -31.33
CA ASN C 54 -29.21 26.04 -31.77
C ASN C 54 -28.06 26.21 -32.76
N ALA C 55 -27.21 27.21 -32.51
CA ALA C 55 -26.08 27.54 -33.38
C ALA C 55 -25.30 26.26 -33.71
N GLN C 56 -25.05 26.06 -35.01
CA GLN C 56 -24.33 24.89 -35.49
C GLN C 56 -22.86 25.25 -35.70
N THR C 57 -21.99 24.25 -35.49
CA THR C 57 -20.57 24.37 -35.76
C THR C 57 -20.30 23.88 -37.18
N GLU C 58 -19.02 23.77 -37.55
CA GLU C 58 -18.62 23.28 -38.86
C GLU C 58 -17.43 22.32 -38.69
N PHE C 59 -17.21 21.50 -39.72
CA PHE C 59 -16.18 20.48 -39.73
C PHE C 59 -15.07 20.91 -40.70
N VAL C 60 -14.09 21.66 -40.18
CA VAL C 60 -13.09 22.35 -41.01
C VAL C 60 -11.94 21.38 -41.34
N GLU C 61 -11.36 21.58 -42.53
N GLU C 61 -11.37 21.57 -42.54
CA GLU C 61 -10.27 20.75 -43.04
CA GLU C 61 -10.27 20.75 -43.04
C GLU C 61 -8.96 21.55 -42.97
C GLU C 61 -8.96 21.55 -42.97
N PHE C 62 -7.89 20.88 -42.54
CA PHE C 62 -6.60 21.52 -42.38
C PHE C 62 -5.49 20.51 -42.72
N PRO C 63 -4.28 21.00 -43.10
CA PRO C 63 -3.17 20.12 -43.45
C PRO C 63 -2.37 19.58 -42.27
N ILE C 64 -1.90 18.34 -42.40
CA ILE C 64 -0.87 17.77 -41.56
C ILE C 64 0.43 17.75 -42.37
N TYR C 65 1.49 18.34 -41.84
CA TYR C 65 2.75 18.41 -42.56
C TYR C 65 3.94 18.29 -41.60
N THR C 66 5.09 17.98 -42.18
CA THR C 66 6.37 17.88 -41.47
C THR C 66 7.41 18.67 -42.27
N VAL C 67 8.55 18.96 -41.63
CA VAL C 67 9.62 19.72 -42.24
C VAL C 67 10.92 18.93 -42.10
N LEU C 68 11.62 18.75 -43.23
CA LEU C 68 12.93 18.14 -43.24
C LEU C 68 13.99 19.22 -43.54
N ILE C 69 14.98 19.32 -42.65
N ILE C 69 14.98 19.32 -42.65
CA ILE C 69 16.12 20.19 -42.88
CA ILE C 69 16.13 20.19 -42.86
C ILE C 69 17.34 19.32 -43.22
C ILE C 69 17.33 19.31 -43.22
N ASP C 70 17.71 19.32 -44.50
CA ASP C 70 18.88 18.61 -44.98
C ASP C 70 20.11 19.48 -44.68
N HIS C 71 20.69 19.28 -43.50
CA HIS C 71 21.77 20.10 -42.97
C HIS C 71 23.10 19.35 -43.12
N PRO C 72 24.21 20.03 -43.47
CA PRO C 72 25.51 19.39 -43.58
C PRO C 72 25.93 18.67 -42.29
N GLU C 73 25.41 19.12 -41.14
CA GLU C 73 25.76 18.55 -39.84
C GLU C 73 24.89 17.31 -39.56
N GLY C 74 23.87 17.11 -40.39
CA GLY C 74 22.97 15.97 -40.25
C GLY C 74 21.53 16.39 -40.51
N LYS C 75 20.73 15.43 -41.01
CA LYS C 75 19.33 15.68 -41.35
C LYS C 75 18.50 15.80 -40.07
N ILE C 76 17.69 16.86 -40.02
CA ILE C 76 16.81 17.14 -38.89
C ILE C 76 15.36 17.11 -39.39
N LEU C 77 14.52 16.33 -38.69
CA LEU C 77 13.09 16.22 -39.01
C LEU C 77 12.28 16.87 -37.89
N PHE C 78 11.33 17.74 -38.28
CA PHE C 78 10.42 18.40 -37.34
C PHE C 78 9.01 17.82 -37.52
N ASP C 79 8.54 17.11 -36.48
CA ASP C 79 7.24 16.43 -36.47
C ASP C 79 7.29 15.21 -37.41
N THR C 80 6.29 14.33 -37.30
CA THR C 80 6.30 13.04 -38.01
C THR C 80 4.89 12.64 -38.50
N SER C 81 3.94 13.57 -38.43
CA SER C 81 2.58 13.37 -38.94
C SER C 81 1.90 12.19 -38.22
N CYS C 82 0.96 11.54 -38.92
CA CYS C 82 0.16 10.43 -38.38
C CYS C 82 0.73 9.10 -38.86
N ASN C 83 0.56 8.05 -38.04
CA ASN C 83 0.99 6.70 -38.40
C ASN C 83 0.09 6.20 -39.54
N PRO C 84 0.66 5.54 -40.57
CA PRO C 84 -0.13 5.04 -41.69
C PRO C 84 -1.23 4.03 -41.28
N ASN C 85 -1.10 3.48 -40.07
N ASN C 85 -1.10 3.47 -40.08
CA ASN C 85 -2.01 2.47 -39.55
CA ASN C 85 -2.04 2.47 -39.59
C ASN C 85 -3.00 3.10 -38.56
C ASN C 85 -2.96 3.11 -38.54
N SER C 86 -3.24 4.40 -38.72
CA SER C 86 -4.05 5.16 -37.77
C SER C 86 -5.54 4.87 -37.98
N MET C 87 -6.01 5.02 -39.22
CA MET C 87 -7.43 4.99 -39.54
C MET C 87 -7.84 3.58 -39.98
N GLY C 88 -9.15 3.31 -39.93
CA GLY C 88 -9.73 2.08 -40.43
C GLY C 88 -10.17 1.15 -39.31
N PRO C 89 -10.87 0.05 -39.64
CA PRO C 89 -11.37 -0.89 -38.63
C PRO C 89 -10.24 -1.60 -37.88
N GLN C 90 -9.08 -1.72 -38.54
CA GLN C 90 -7.89 -2.35 -37.97
C GLN C 90 -6.92 -1.27 -37.51
N GLY C 91 -7.42 -0.04 -37.38
CA GLY C 91 -6.60 1.15 -37.11
C GLY C 91 -6.21 1.25 -35.64
N ARG C 92 -5.14 2.03 -35.39
CA ARG C 92 -4.60 2.22 -34.04
C ARG C 92 -5.47 3.21 -33.26
N TRP C 93 -6.05 4.19 -33.98
CA TRP C 93 -6.90 5.20 -33.39
C TRP C 93 -8.22 4.57 -32.94
N ALA C 94 -8.69 4.95 -31.74
CA ALA C 94 -10.00 4.56 -31.25
C ALA C 94 -11.05 5.07 -32.23
N GLU C 95 -12.16 4.33 -32.35
CA GLU C 95 -13.21 4.65 -33.30
C GLU C 95 -13.71 6.07 -33.07
N SER C 96 -13.81 6.47 -31.79
CA SER C 96 -14.27 7.80 -31.41
C SER C 96 -13.30 8.87 -31.94
N THR C 97 -12.01 8.57 -31.84
CA THR C 97 -10.94 9.46 -32.30
C THR C 97 -11.03 9.62 -33.82
N GLN C 98 -11.33 8.52 -34.51
CA GLN C 98 -11.37 8.49 -35.96
C GLN C 98 -12.54 9.35 -36.48
N GLN C 99 -13.61 9.43 -35.68
CA GLN C 99 -14.84 10.09 -36.10
C GLN C 99 -14.77 11.59 -35.78
N MET C 100 -13.96 11.95 -34.79
CA MET C 100 -13.85 13.35 -34.35
C MET C 100 -12.69 14.05 -35.09
N PHE C 101 -11.66 13.28 -35.43
CA PHE C 101 -10.45 13.83 -36.05
C PHE C 101 -10.02 12.98 -37.24
N PRO C 102 -10.93 12.70 -38.19
CA PRO C 102 -10.61 11.82 -39.31
C PRO C 102 -9.42 12.32 -40.14
N TRP C 103 -8.48 11.42 -40.43
CA TRP C 103 -7.29 11.71 -41.22
C TRP C 103 -7.43 11.05 -42.59
N THR C 104 -7.31 11.86 -43.65
CA THR C 104 -7.35 11.37 -45.03
C THR C 104 -6.00 11.59 -45.68
N ALA C 105 -5.42 10.53 -46.25
CA ALA C 105 -4.10 10.58 -46.85
C ALA C 105 -3.94 9.45 -47.86
N THR C 106 -3.47 9.82 -49.06
CA THR C 106 -3.01 8.87 -50.06
C THR C 106 -1.66 8.30 -49.62
N GLU C 107 -1.24 7.21 -50.28
CA GLU C 107 0.01 6.54 -49.96
C GLU C 107 1.18 7.52 -50.10
N GLU C 108 1.10 8.41 -51.09
N GLU C 108 1.08 8.38 -51.12
CA GLU C 108 2.19 9.34 -51.36
CA GLU C 108 2.06 9.43 -51.43
C GLU C 108 2.32 10.34 -50.20
C GLU C 108 2.34 10.27 -50.18
N CYS C 109 1.32 10.37 -49.32
CA CYS C 109 1.31 11.31 -48.19
C CYS C 109 2.04 10.73 -46.96
N TYR C 110 2.17 9.41 -46.90
CA TYR C 110 2.85 8.76 -45.78
C TYR C 110 4.28 9.29 -45.68
N LEU C 111 4.69 9.64 -44.46
CA LEU C 111 5.99 10.28 -44.22
C LEU C 111 7.11 9.47 -44.87
N HIS C 112 7.10 8.15 -44.62
N HIS C 112 7.09 8.15 -44.65
CA HIS C 112 8.11 7.23 -45.12
CA HIS C 112 8.15 7.27 -45.12
C HIS C 112 8.24 7.38 -46.64
C HIS C 112 8.24 7.33 -46.65
N ASN C 113 7.11 7.64 -47.30
CA ASN C 113 7.06 7.74 -48.76
C ASN C 113 7.58 9.12 -49.20
N ARG C 114 7.20 10.16 -48.46
CA ARG C 114 7.62 11.53 -48.75
C ARG C 114 9.15 11.61 -48.69
N LEU C 115 9.73 10.91 -47.70
CA LEU C 115 11.17 10.91 -47.48
C LEU C 115 11.86 10.11 -48.60
N GLU C 116 11.22 9.00 -49.01
CA GLU C 116 11.77 8.11 -50.03
C GLU C 116 11.90 8.87 -51.36
N GLN C 117 10.93 9.75 -51.63
N GLN C 117 10.94 9.76 -51.63
CA GLN C 117 10.90 10.54 -52.86
CA GLN C 117 10.92 10.51 -52.87
C GLN C 117 12.04 11.55 -52.86
C GLN C 117 12.04 11.55 -52.86
N LEU C 118 12.56 11.86 -51.66
CA LEU C 118 13.69 12.76 -51.50
C LEU C 118 14.99 11.94 -51.38
N LYS C 119 14.85 10.62 -51.55
CA LYS C 119 15.97 9.67 -51.44
C LYS C 119 16.53 9.69 -50.03
N VAL C 120 15.64 9.84 -49.03
CA VAL C 120 16.02 9.89 -47.62
C VAL C 120 15.37 8.70 -46.89
N ARG C 121 16.21 7.90 -46.24
CA ARG C 121 15.79 6.77 -45.45
C ARG C 121 15.65 7.19 -43.99
N PRO C 122 14.71 6.60 -43.22
CA PRO C 122 14.59 6.90 -41.79
C PRO C 122 15.93 6.84 -41.04
N GLU C 123 16.78 5.88 -41.42
N GLU C 123 16.78 5.88 -41.43
CA GLU C 123 18.05 5.64 -40.75
CA GLU C 123 18.05 5.62 -40.76
C GLU C 123 19.00 6.82 -40.98
C GLU C 123 19.00 6.80 -40.99
N ASP C 124 18.63 7.67 -41.94
CA ASP C 124 19.48 8.81 -42.35
C ASP C 124 19.23 10.02 -41.43
N ILE C 125 18.11 10.00 -40.71
CA ILE C 125 17.70 11.12 -39.87
C ILE C 125 18.52 11.09 -38.57
N ARG C 126 19.23 12.20 -38.30
CA ARG C 126 20.06 12.33 -37.10
C ARG C 126 19.21 12.79 -35.92
N TYR C 127 18.38 13.80 -36.15
CA TYR C 127 17.55 14.39 -35.09
C TYR C 127 16.09 14.47 -35.54
N VAL C 128 15.19 14.07 -34.64
CA VAL C 128 13.76 14.30 -34.78
C VAL C 128 13.31 15.20 -33.63
N VAL C 129 12.78 16.38 -33.98
CA VAL C 129 12.18 17.28 -33.02
C VAL C 129 10.67 17.03 -33.02
N ALA C 130 10.17 16.49 -31.91
CA ALA C 130 8.74 16.31 -31.68
C ALA C 130 8.19 17.56 -30.98
N SER C 131 7.46 18.39 -31.75
CA SER C 131 6.84 19.60 -31.22
C SER C 131 6.02 19.24 -29.97
N HIS C 132 5.30 18.11 -30.09
CA HIS C 132 4.61 17.45 -28.98
C HIS C 132 4.22 16.05 -29.45
N LEU C 133 3.45 15.31 -28.63
CA LEU C 133 3.27 13.88 -28.87
C LEU C 133 1.80 13.57 -29.20
N HIS C 134 1.06 14.56 -29.71
CA HIS C 134 -0.29 14.35 -30.21
C HIS C 134 -0.25 13.42 -31.42
N LEU C 135 -1.41 12.82 -31.72
CA LEU C 135 -1.52 11.75 -32.72
C LEU C 135 -1.09 12.24 -34.11
N ASP C 136 -1.19 13.56 -34.35
CA ASP C 136 -0.99 14.12 -35.69
C ASP C 136 0.43 14.70 -35.82
N HIS C 137 1.30 14.44 -34.83
CA HIS C 137 2.66 14.98 -34.84
C HIS C 137 3.70 13.91 -34.51
N ALA C 138 3.29 12.87 -33.76
CA ALA C 138 4.22 11.87 -33.24
C ALA C 138 3.92 10.49 -33.84
N GLY C 139 3.13 10.48 -34.92
CA GLY C 139 2.58 9.26 -35.51
C GLY C 139 3.65 8.28 -35.97
N CYS C 140 4.79 8.80 -36.45
CA CYS C 140 5.78 7.97 -37.13
C CYS C 140 7.15 8.03 -36.43
N LEU C 141 7.17 8.43 -35.16
CA LEU C 141 8.42 8.48 -34.39
C LEU C 141 9.10 7.10 -34.43
N GLU C 142 8.29 6.04 -34.41
CA GLU C 142 8.77 4.67 -34.23
C GLU C 142 9.71 4.28 -35.39
N MET C 143 9.69 5.07 -36.46
CA MET C 143 10.46 4.76 -37.68
C MET C 143 11.94 5.10 -37.47
N PHE C 144 12.20 6.11 -36.63
CA PHE C 144 13.52 6.74 -36.58
C PHE C 144 14.33 6.18 -35.42
N THR C 145 14.85 4.96 -35.64
CA THR C 145 15.54 4.18 -34.62
C THR C 145 17.03 4.52 -34.58
N ASN C 146 17.48 5.35 -35.54
CA ASN C 146 18.89 5.71 -35.67
C ASN C 146 19.08 7.19 -35.32
N ALA C 147 18.01 7.82 -34.82
CA ALA C 147 18.01 9.25 -34.51
C ALA C 147 17.94 9.46 -33.00
N THR C 148 18.28 10.68 -32.57
CA THR C 148 17.95 11.18 -31.24
C THR C 148 16.61 11.92 -31.31
N ILE C 149 15.64 11.47 -30.51
CA ILE C 149 14.31 12.05 -30.48
C ILE C 149 14.27 13.14 -29.40
N ILE C 150 14.11 14.39 -29.83
CA ILE C 150 14.07 15.53 -28.93
C ILE C 150 12.61 15.89 -28.65
N VAL C 151 12.24 15.85 -27.37
CA VAL C 151 10.88 16.06 -26.92
C VAL C 151 10.92 16.76 -25.55
N HIS C 152 9.85 17.52 -25.25
CA HIS C 152 9.74 18.17 -23.96
C HIS C 152 9.47 17.12 -22.88
N GLU C 153 10.14 17.25 -21.74
N GLU C 153 10.19 17.24 -21.76
CA GLU C 153 10.10 16.23 -20.69
CA GLU C 153 10.10 16.28 -20.67
C GLU C 153 8.69 16.14 -20.11
C GLU C 153 8.65 16.13 -20.22
N ASP C 154 7.97 17.27 -20.05
CA ASP C 154 6.61 17.29 -19.51
C ASP C 154 5.65 16.58 -20.48
N GLU C 155 5.92 16.69 -21.78
CA GLU C 155 5.09 16.07 -22.82
C GLU C 155 5.33 14.56 -22.80
N PHE C 156 6.60 14.16 -22.74
CA PHE C 156 7.01 12.76 -22.68
C PHE C 156 6.36 12.09 -21.46
N ASN C 157 6.42 12.75 -20.31
CA ASN C 157 5.89 12.22 -19.05
C ASN C 157 4.37 12.01 -19.18
N GLY C 158 3.67 13.02 -19.70
CA GLY C 158 2.23 12.97 -19.88
C GLY C 158 1.81 11.84 -20.79
N ALA C 159 2.53 11.69 -21.90
CA ALA C 159 2.24 10.66 -22.90
C ALA C 159 2.41 9.27 -22.26
N LEU C 160 3.49 9.12 -21.48
CA LEU C 160 3.82 7.83 -20.86
C LEU C 160 2.77 7.47 -19.80
N GLN C 161 2.23 8.48 -19.11
CA GLN C 161 1.17 8.26 -18.12
C GLN C 161 -0.08 7.74 -18.83
N CYS C 162 -0.41 8.33 -19.99
CA CYS C 162 -1.54 7.89 -20.79
C CYS C 162 -1.39 6.39 -21.09
N TYR C 163 -0.17 6.00 -21.46
CA TYR C 163 0.16 4.62 -21.83
C TYR C 163 -0.02 3.72 -20.61
N ALA C 164 0.57 4.12 -19.48
CA ALA C 164 0.58 3.33 -18.25
C ALA C 164 -0.84 3.19 -17.70
N ARG C 165 -1.68 4.19 -17.96
CA ARG C 165 -3.06 4.23 -17.47
C ARG C 165 -4.00 3.56 -18.49
N ASN C 166 -3.41 3.04 -19.56
CA ASN C 166 -4.14 2.31 -20.60
C ASN C 166 -5.29 3.18 -21.14
N GLN C 167 -4.99 4.46 -21.39
N GLN C 167 -5.00 4.47 -21.37
CA GLN C 167 -5.97 5.38 -21.93
CA GLN C 167 -5.96 5.38 -21.99
C GLN C 167 -6.08 5.15 -23.44
C GLN C 167 -6.07 5.04 -23.48
N LYS C 168 -7.29 4.79 -23.89
N LYS C 168 -7.31 4.77 -23.94
CA LYS C 168 -7.54 4.34 -25.25
CA LYS C 168 -7.55 4.32 -25.30
C LYS C 168 -8.10 5.51 -26.07
C LYS C 168 -8.17 5.46 -26.12
N GLU C 169 -8.79 6.44 -25.40
N GLU C 169 -8.79 6.42 -25.42
CA GLU C 169 -9.35 7.62 -26.06
CA GLU C 169 -9.34 7.61 -26.05
C GLU C 169 -8.45 8.82 -25.75
C GLU C 169 -8.41 8.81 -25.77
N GLY C 170 -8.52 9.84 -26.61
CA GLY C 170 -7.72 11.04 -26.46
C GLY C 170 -6.74 11.21 -27.62
N ALA C 171 -5.89 12.23 -27.50
CA ALA C 171 -5.00 12.66 -28.59
C ALA C 171 -3.66 11.94 -28.50
N TYR C 172 -3.50 11.08 -27.50
CA TYR C 172 -2.29 10.27 -27.32
C TYR C 172 -2.63 8.81 -27.61
N ILE C 173 -2.04 8.27 -28.69
CA ILE C 173 -2.39 6.97 -29.22
C ILE C 173 -1.55 5.88 -28.52
N TRP C 174 -2.24 5.00 -27.80
CA TRP C 174 -1.61 3.94 -27.01
C TRP C 174 -0.69 3.09 -27.89
N ALA C 175 -1.18 2.71 -29.08
CA ALA C 175 -0.46 1.80 -29.97
C ALA C 175 0.82 2.46 -30.49
N ASP C 176 0.77 3.79 -30.68
CA ASP C 176 1.92 4.56 -31.14
C ASP C 176 3.02 4.53 -30.07
N ILE C 177 2.63 4.83 -28.83
CA ILE C 177 3.55 4.86 -27.70
C ILE C 177 4.15 3.46 -27.50
N ASP C 178 3.29 2.45 -27.61
CA ASP C 178 3.69 1.05 -27.48
C ASP C 178 4.88 0.79 -28.40
N ALA C 179 4.79 1.30 -29.63
CA ALA C 179 5.77 1.04 -30.69
C ALA C 179 7.08 1.78 -30.39
N TRP C 180 6.97 3.00 -29.84
CA TRP C 180 8.15 3.79 -29.50
C TRP C 180 9.05 2.97 -28.56
N ILE C 181 8.41 2.30 -27.60
CA ILE C 181 9.12 1.56 -26.55
C ILE C 181 9.70 0.27 -27.13
N LYS C 182 8.91 -0.40 -27.99
CA LYS C 182 9.31 -1.67 -28.59
C LYS C 182 10.46 -1.46 -29.58
N ASN C 183 10.51 -0.28 -30.20
CA ASN C 183 11.52 0.03 -31.22
C ASN C 183 12.75 0.67 -30.56
N ASN C 184 12.71 0.81 -29.23
CA ASN C 184 13.87 1.24 -28.44
C ASN C 184 14.40 2.57 -28.97
N LEU C 185 13.51 3.56 -29.11
CA LEU C 185 13.89 4.90 -29.55
C LEU C 185 14.82 5.53 -28.51
N GLN C 186 15.71 6.41 -28.98
CA GLN C 186 16.68 7.11 -28.13
C GLN C 186 16.19 8.54 -27.90
N TRP C 187 15.88 8.85 -26.64
CA TRP C 187 15.24 10.11 -26.27
C TRP C 187 16.26 11.07 -25.66
N ARG C 188 16.12 12.35 -26.03
CA ARG C 188 16.67 13.46 -25.25
C ARG C 188 15.50 14.39 -24.87
N THR C 189 15.18 14.44 -23.58
CA THR C 189 14.10 15.27 -23.09
C THR C 189 14.62 16.68 -22.82
N VAL C 190 13.84 17.67 -23.26
CA VAL C 190 14.09 19.07 -22.97
C VAL C 190 13.45 19.38 -21.61
N LYS C 191 14.28 19.78 -20.64
CA LYS C 191 13.83 19.98 -19.28
C LYS C 191 12.97 21.26 -19.21
N ARG C 192 12.07 21.29 -18.23
CA ARG C 192 11.07 22.34 -18.10
C ARG C 192 11.74 23.72 -18.10
N HIS C 193 12.88 23.84 -17.41
CA HIS C 193 13.54 25.13 -17.26
C HIS C 193 14.84 25.17 -18.07
N GLU C 194 14.86 24.44 -19.20
CA GLU C 194 16.05 24.34 -20.02
C GLU C 194 16.05 25.44 -21.08
N ASP C 195 17.24 26.00 -21.33
CA ASP C 195 17.46 26.98 -22.38
C ASP C 195 17.22 26.33 -23.74
N ASN C 196 17.05 27.18 -24.76
CA ASN C 196 16.93 26.75 -26.14
C ASN C 196 18.18 25.95 -26.51
N ILE C 197 18.03 25.02 -27.46
CA ILE C 197 19.09 24.11 -27.86
C ILE C 197 19.55 24.44 -29.28
N LEU C 198 20.86 24.70 -29.41
CA LEU C 198 21.50 24.85 -30.71
C LEU C 198 21.79 23.44 -31.25
N LEU C 199 20.95 22.99 -32.19
CA LEU C 199 21.02 21.66 -32.78
C LEU C 199 22.15 21.62 -33.83
N ALA C 200 22.20 22.68 -34.64
CA ALA C 200 23.15 22.82 -35.73
C ALA C 200 23.26 24.32 -36.06
N GLU C 201 24.20 24.65 -36.96
CA GLU C 201 24.39 26.03 -37.36
C GLU C 201 23.07 26.57 -37.93
N GLY C 202 22.49 27.55 -37.24
CA GLY C 202 21.28 28.23 -37.67
C GLY C 202 20.03 27.39 -37.46
N VAL C 203 20.11 26.42 -36.54
CA VAL C 203 18.95 25.60 -36.16
C VAL C 203 18.89 25.52 -34.64
N LYS C 204 17.81 26.07 -34.08
CA LYS C 204 17.62 26.16 -32.64
C LYS C 204 16.26 25.59 -32.26
N VAL C 205 16.26 24.65 -31.31
CA VAL C 205 15.04 24.12 -30.71
C VAL C 205 14.56 25.12 -29.65
N LEU C 206 13.34 25.61 -29.82
CA LEU C 206 12.74 26.57 -28.90
C LEU C 206 11.91 25.83 -27.86
N ASN C 207 12.23 26.06 -26.59
CA ASN C 207 11.53 25.44 -25.48
C ASN C 207 10.33 26.31 -25.08
N PHE C 208 9.16 26.01 -25.67
CA PHE C 208 7.96 26.81 -25.50
C PHE C 208 7.27 26.47 -24.17
N GLY C 209 7.42 25.23 -23.72
CA GLY C 209 6.81 24.76 -22.47
C GLY C 209 5.32 24.50 -22.63
N SER C 210 4.61 24.56 -21.50
CA SER C 210 3.20 24.18 -21.43
C SER C 210 2.32 25.24 -22.11
N GLY C 211 1.25 24.76 -22.75
CA GLY C 211 0.29 25.58 -23.46
C GLY C 211 -0.77 24.72 -24.11
N HIS C 212 -0.68 24.60 -25.45
CA HIS C 212 -1.53 23.69 -26.22
C HIS C 212 -1.52 22.31 -25.58
N ALA C 213 -0.31 21.81 -25.29
CA ALA C 213 -0.11 20.52 -24.64
C ALA C 213 0.81 20.69 -23.43
N TRP C 214 1.24 19.57 -22.85
CA TRP C 214 2.04 19.57 -21.63
C TRP C 214 3.39 20.27 -21.86
N GLY C 215 3.99 20.03 -23.02
CA GLY C 215 5.30 20.58 -23.36
C GLY C 215 5.49 20.72 -24.85
N MET C 216 5.59 21.97 -25.32
CA MET C 216 5.69 22.29 -26.73
C MET C 216 7.14 22.66 -27.07
N LEU C 217 7.63 22.14 -28.20
CA LEU C 217 8.89 22.57 -28.78
C LEU C 217 8.61 23.22 -30.14
N GLY C 218 9.34 24.30 -30.41
CA GLY C 218 9.37 24.93 -31.71
C GLY C 218 10.76 24.85 -32.32
N LEU C 219 10.91 25.42 -33.52
CA LEU C 219 12.19 25.46 -34.18
C LEU C 219 12.36 26.84 -34.84
N HIS C 220 13.55 27.42 -34.66
CA HIS C 220 13.97 28.56 -35.47
C HIS C 220 15.09 28.11 -36.41
N VAL C 221 14.84 28.30 -37.71
CA VAL C 221 15.81 27.98 -38.74
C VAL C 221 16.24 29.30 -39.41
N GLU C 222 17.56 29.47 -39.55
CA GLU C 222 18.14 30.58 -40.28
C GLU C 222 18.76 30.03 -41.58
N LEU C 223 18.09 30.31 -42.71
CA LEU C 223 18.58 29.92 -44.03
C LEU C 223 19.28 31.11 -44.68
N PRO C 224 20.40 30.88 -45.40
CA PRO C 224 21.14 31.96 -46.03
C PRO C 224 20.29 32.87 -46.95
N GLU C 225 19.41 32.25 -47.75
CA GLU C 225 18.65 32.98 -48.77
C GLU C 225 17.29 33.40 -48.23
N THR C 226 16.60 32.47 -47.55
CA THR C 226 15.22 32.67 -47.12
C THR C 226 15.18 33.50 -45.83
N GLY C 227 16.21 33.35 -45.00
CA GLY C 227 16.29 34.04 -43.71
C GLY C 227 15.66 33.21 -42.61
N GLY C 228 15.00 33.90 -41.67
CA GLY C 228 14.47 33.28 -40.45
C GLY C 228 13.11 32.64 -40.67
N ILE C 229 12.94 31.43 -40.14
CA ILE C 229 11.68 30.70 -40.13
C ILE C 229 11.46 30.13 -38.72
N ILE C 230 10.28 30.40 -38.16
CA ILE C 230 9.85 29.81 -36.89
C ILE C 230 8.77 28.76 -37.18
N LEU C 231 9.09 27.51 -36.85
CA LEU C 231 8.12 26.42 -36.86
C LEU C 231 7.43 26.38 -35.49
N ALA C 232 6.17 26.81 -35.46
CA ALA C 232 5.44 27.02 -34.22
C ALA C 232 4.62 25.77 -33.86
N SER C 233 4.37 24.92 -34.87
CA SER C 233 3.48 23.79 -34.71
C SER C 233 2.17 24.26 -34.06
N ASP C 234 1.66 23.48 -33.09
CA ASP C 234 0.34 23.70 -32.52
C ASP C 234 0.40 24.78 -31.42
N ALA C 235 1.55 25.42 -31.26
CA ALA C 235 1.65 26.62 -30.43
C ALA C 235 0.76 27.70 -31.04
N ILE C 236 0.61 27.66 -32.37
CA ILE C 236 -0.27 28.54 -33.11
C ILE C 236 -0.88 27.76 -34.28
N TYR C 237 -2.17 27.45 -34.18
CA TYR C 237 -2.88 26.65 -35.18
C TYR C 237 -2.86 27.36 -36.55
N THR C 238 -3.35 28.60 -36.58
CA THR C 238 -3.58 29.33 -37.83
C THR C 238 -3.33 30.84 -37.64
N ALA C 239 -3.41 31.56 -38.76
CA ALA C 239 -3.29 33.02 -38.77
C ALA C 239 -4.40 33.64 -37.92
N GLU C 240 -5.57 32.99 -37.92
CA GLU C 240 -6.71 33.45 -37.13
C GLU C 240 -6.36 33.36 -35.64
N SER C 241 -5.67 32.27 -35.27
CA SER C 241 -5.21 32.06 -33.90
C SER C 241 -4.25 33.20 -33.50
N TYR C 242 -3.39 33.57 -34.45
CA TYR C 242 -2.24 34.45 -34.23
C TYR C 242 -2.71 35.89 -34.02
N GLY C 243 -3.72 36.30 -34.80
CA GLY C 243 -4.22 37.67 -34.76
C GLY C 243 -3.13 38.67 -35.11
N PRO C 244 -2.99 39.72 -34.29
CA PRO C 244 -3.81 39.91 -33.10
C PRO C 244 -5.22 40.39 -33.43
N PRO C 245 -6.14 40.24 -32.47
CA PRO C 245 -5.85 39.63 -31.19
C PRO C 245 -5.83 38.09 -31.27
N ILE C 246 -5.29 37.45 -30.23
CA ILE C 246 -5.15 36.00 -30.17
C ILE C 246 -6.54 35.37 -30.01
N LYS C 247 -6.80 34.34 -30.82
CA LYS C 247 -7.98 33.50 -30.69
C LYS C 247 -7.53 32.10 -30.30
N PRO C 248 -7.60 31.74 -29.00
CA PRO C 248 -7.10 30.46 -28.52
C PRO C 248 -7.98 29.27 -28.92
N PRO C 249 -7.44 28.03 -28.89
CA PRO C 249 -8.19 26.85 -29.27
C PRO C 249 -9.26 26.47 -28.23
N GLY C 250 -10.22 25.63 -28.65
CA GLY C 250 -11.42 25.30 -27.88
C GLY C 250 -11.10 24.54 -26.60
N ILE C 251 -10.02 23.77 -26.65
CA ILE C 251 -9.47 23.11 -25.48
C ILE C 251 -7.98 23.48 -25.41
N ILE C 252 -7.40 23.34 -24.22
CA ILE C 252 -6.09 23.88 -23.93
C ILE C 252 -5.62 23.27 -22.61
N TYR C 253 -4.35 22.89 -22.53
CA TYR C 253 -3.82 22.38 -21.28
C TYR C 253 -3.56 23.55 -20.33
N ASP C 254 -2.75 24.52 -20.79
CA ASP C 254 -2.30 25.65 -19.98
C ASP C 254 -2.59 26.95 -20.74
N SER C 255 -3.70 27.60 -20.40
CA SER C 255 -4.18 28.78 -21.13
C SER C 255 -3.17 29.92 -21.01
N LEU C 256 -2.65 30.15 -19.79
CA LEU C 256 -1.70 31.23 -19.54
C LEU C 256 -0.43 30.98 -20.36
N GLY C 257 0.08 29.76 -20.28
CA GLY C 257 1.28 29.34 -21.02
C GLY C 257 1.08 29.47 -22.52
N TYR C 258 -0.13 29.15 -22.98
CA TYR C 258 -0.44 29.23 -24.40
C TYR C 258 -0.32 30.67 -24.88
N MET C 259 -0.97 31.59 -24.15
CA MET C 259 -1.01 33.01 -24.50
C MET C 259 0.42 33.58 -24.47
N ASN C 260 1.17 33.22 -23.43
CA ASN C 260 2.55 33.67 -23.25
C ASN C 260 3.40 33.20 -24.43
N THR C 261 3.16 31.98 -24.90
CA THR C 261 3.96 31.36 -25.95
C THR C 261 3.72 32.11 -27.27
N VAL C 262 2.46 32.43 -27.56
CA VAL C 262 2.11 33.12 -28.81
C VAL C 262 2.81 34.48 -28.84
N GLU C 263 2.75 35.21 -27.72
CA GLU C 263 3.32 36.54 -27.63
C GLU C 263 4.85 36.46 -27.72
N ARG C 264 5.41 35.38 -27.16
CA ARG C 264 6.84 35.15 -27.21
C ARG C 264 7.27 34.94 -28.66
N ILE C 265 6.49 34.15 -29.40
CA ILE C 265 6.77 33.85 -30.81
C ILE C 265 6.69 35.16 -31.61
N ARG C 266 5.69 35.99 -31.31
CA ARG C 266 5.49 37.26 -31.99
C ARG C 266 6.73 38.14 -31.78
N ARG C 267 7.29 38.11 -30.57
CA ARG C 267 8.47 38.91 -30.24
C ARG C 267 9.68 38.40 -31.02
N ILE C 268 9.90 37.08 -30.98
CA ILE C 268 11.04 36.46 -31.64
C ILE C 268 10.97 36.77 -33.14
N ALA C 269 9.76 36.71 -33.71
CA ALA C 269 9.55 36.96 -35.14
C ALA C 269 9.96 38.39 -35.48
N GLN C 270 9.59 39.33 -34.59
CA GLN C 270 9.84 40.75 -34.78
C GLN C 270 11.35 41.01 -34.69
N GLU C 271 11.99 40.44 -33.66
CA GLU C 271 13.38 40.75 -33.31
C GLU C 271 14.34 40.10 -34.31
N THR C 272 13.91 38.99 -34.93
CA THR C 272 14.78 38.22 -35.81
C THR C 272 14.31 38.31 -37.26
N LYS C 273 13.25 39.09 -37.50
CA LYS C 273 12.68 39.25 -38.84
C LYS C 273 12.41 37.87 -39.44
N SER C 274 11.68 37.04 -38.69
CA SER C 274 11.41 35.66 -39.08
C SER C 274 9.94 35.52 -39.53
N GLN C 275 9.72 34.63 -40.51
CA GLN C 275 8.39 34.15 -40.85
C GLN C 275 7.91 33.21 -39.74
N VAL C 276 6.59 33.13 -39.58
CA VAL C 276 5.97 32.21 -38.64
C VAL C 276 5.14 31.19 -39.42
N TRP C 277 5.53 29.92 -39.33
CA TRP C 277 4.84 28.81 -39.96
C TRP C 277 3.94 28.12 -38.93
N PHE C 278 2.63 28.24 -39.14
CA PHE C 278 1.62 27.76 -38.20
C PHE C 278 1.48 26.24 -38.32
N GLY C 279 0.81 25.63 -37.34
CA GLY C 279 0.67 24.19 -37.24
C GLY C 279 -0.21 23.62 -38.34
N HIS C 280 -1.35 24.29 -38.60
CA HIS C 280 -2.40 23.73 -39.44
C HIS C 280 -3.19 24.82 -40.17
N ASP C 281 -2.49 25.72 -40.85
CA ASP C 281 -3.14 26.82 -41.57
C ASP C 281 -3.28 26.44 -43.04
N ALA C 282 -4.52 26.20 -43.47
CA ALA C 282 -4.84 25.67 -44.80
C ALA C 282 -4.32 26.62 -45.89
N GLU C 283 -4.54 27.93 -45.68
CA GLU C 283 -4.23 28.94 -46.69
C GLU C 283 -2.71 29.12 -46.78
N GLN C 284 -2.05 29.17 -45.62
CA GLN C 284 -0.60 29.32 -45.55
C GLN C 284 0.07 28.12 -46.24
N PHE C 285 -0.45 26.92 -45.95
CA PHE C 285 0.16 25.69 -46.42
C PHE C 285 0.13 25.65 -47.94
N LYS C 286 -0.97 26.13 -48.53
CA LYS C 286 -1.17 26.08 -49.98
C LYS C 286 -0.10 26.92 -50.68
N LYS C 287 0.45 27.91 -49.96
CA LYS C 287 1.40 28.85 -50.53
C LYS C 287 2.83 28.32 -50.38
N PHE C 288 3.02 27.34 -49.49
CA PHE C 288 4.33 26.71 -49.29
C PHE C 288 4.77 26.00 -50.57
N ARG C 289 6.09 25.97 -50.80
CA ARG C 289 6.70 25.12 -51.81
C ARG C 289 6.87 23.72 -51.21
N LYS C 290 6.14 22.74 -51.77
CA LYS C 290 6.13 21.37 -51.25
C LYS C 290 7.38 20.63 -51.73
N SER C 291 7.65 19.48 -51.09
CA SER C 291 8.85 18.69 -51.32
C SER C 291 8.84 18.09 -52.74
N THR C 292 7.66 18.11 -53.38
CA THR C 292 7.49 17.54 -54.71
C THR C 292 7.81 18.61 -55.78
N GLU C 293 7.95 19.86 -55.34
N GLU C 293 7.94 19.86 -55.35
CA GLU C 293 8.20 20.98 -56.26
CA GLU C 293 8.18 20.98 -56.24
C GLU C 293 9.61 21.53 -56.03
C GLU C 293 9.61 21.52 -56.03
N GLY C 294 10.07 21.49 -54.78
CA GLY C 294 11.40 21.96 -54.43
C GLY C 294 11.61 22.14 -52.94
N TYR C 295 12.46 23.10 -52.58
CA TYR C 295 12.91 23.31 -51.20
C TYR C 295 13.21 24.80 -50.98
N TYR C 296 13.48 25.14 -49.72
CA TYR C 296 13.94 26.47 -49.32
C TYR C 296 15.43 26.40 -48.99
N GLU C 297 16.15 27.47 -49.33
N GLU C 297 16.33 27.58 -49.48
CA GLU C 297 17.59 27.57 -49.09
CA GLU C 297 17.75 27.82 -49.13
C GLU C 297 17.94 28.99 -48.65
C GLU C 297 17.88 29.19 -48.46
CO CO D . -14.13 -21.69 39.94
FE FE E . -12.52 -18.75 38.68
C21 OHN F . -23.79 -20.44 50.28
C20 OHN F . -22.87 -19.43 49.59
C19 OHN F . -21.49 -19.46 50.25
C18 OHN F . -20.66 -18.28 49.76
C17 OHN F . -19.22 -18.72 49.50
C16 OHN F . -19.22 -19.99 48.63
C15 OHN F . -18.48 -19.70 47.31
C14 OHN F . -17.78 -20.97 46.84
C13 OHN F . -16.27 -20.83 47.03
C11 OHN F . -15.61 -20.47 45.70
O12 OHN F . -15.20 -21.32 44.91
C10 OHN F . -15.51 -18.98 45.39
C8 OHN F . -15.36 -18.78 43.88
O9 OHN F . -16.16 -19.27 43.09
N7 OHN F . -14.29 -18.05 43.51
C1 OHN F . -13.99 -17.77 42.09
C5 OHN F . -13.00 -16.63 41.96
C4 OHN F . -11.76 -17.28 41.38
C2 OHN F . -13.31 -18.84 41.52
O6 OHN F . -13.68 -20.00 41.70
OAP OHN F . -12.24 -18.48 40.76
C ACT G . -24.49 -35.99 25.43
O ACT G . -24.70 -35.89 24.21
OXT ACT G . -24.42 -37.09 26.02
CH3 ACT G . -24.32 -34.74 26.24
C ACT H . 4.12 -22.36 33.14
O ACT H . 4.31 -22.22 31.92
OXT ACT H . 3.67 -21.44 33.86
CH3 ACT H . 4.44 -23.67 33.79
C ACT I . -24.68 -9.82 17.67
O ACT I . -23.85 -9.84 16.73
OXT ACT I . -25.32 -10.84 18.00
CH3 ACT I . -24.91 -8.53 18.41
C1 EDO J . -19.09 -42.79 33.61
O1 EDO J . -18.27 -42.51 32.47
C2 EDO J . -20.55 -42.86 33.20
O2 EDO J . -21.08 -41.52 33.09
C1 EDO K . -30.75 -9.30 32.27
O1 EDO K . -30.55 -10.24 31.20
C2 EDO K . -30.88 -10.06 33.58
O2 EDO K . -29.73 -9.81 34.38
C1 EDO L . -9.21 -1.56 26.39
O1 EDO L . -9.94 -2.09 25.28
C2 EDO L . -8.99 -2.64 27.43
O2 EDO L . -7.84 -3.41 27.09
C1 EDO M . -14.31 -42.97 25.02
O1 EDO M . -15.62 -42.50 24.73
C2 EDO M . -13.79 -42.17 26.21
O2 EDO M . -13.95 -42.93 27.38
C1 EDO N . -5.74 -3.70 36.06
O1 EDO N . -4.42 -4.22 36.04
C2 EDO N . -5.78 -2.36 35.32
O2 EDO N . -7.13 -1.91 35.20
OH2 1PE O . -15.01 -3.08 9.37
C12 1PE O . -13.70 -3.34 9.89
C22 1PE O . -13.55 -2.69 11.26
OH3 1PE O . -12.17 -2.56 11.59
C13 1PE O . -10.39 -4.10 12.11
C23 1PE O . -11.75 -3.56 12.52
OH4 1PE O . -10.39 -5.53 12.16
C14 1PE O . -10.64 -7.52 13.51
C24 1PE O . -10.38 -6.02 13.49
OH5 1PE O . -9.46 -8.23 13.16
C15 1PE O . -8.40 -10.34 13.67
C25 1PE O . -9.01 -9.06 14.23
OH6 1PE O . -7.04 -10.47 14.12
C16 1PE O . -6.98 -11.37 11.87
C26 1PE O . -6.18 -10.95 13.10
OH7 1PE O . -6.39 -12.51 11.25
C1 PGE P . -6.84 -29.18 50.91
O1 PGE P . -6.29 -29.35 52.22
C2 PGE P . -8.13 -28.37 50.99
O2 PGE P . -8.04 -27.42 52.05
C3 PGE P . -9.11 -26.48 51.99
C4 PGE P . -10.18 -26.84 53.00
O4 PGE P . -14.18 -27.68 51.56
C6 PGE P . -13.39 -28.41 52.52
C5 PGE P . -12.45 -27.46 53.25
O3 PGE P . -11.44 -27.00 52.36
CO CO Q . 14.36 3.58 -2.23
FE FE R . 14.26 0.91 0.23
S SO4 S . 3.32 19.45 7.07
O1 SO4 S . 2.48 20.47 6.39
O2 SO4 S . 4.74 19.68 6.74
O3 SO4 S . 2.92 18.10 6.61
O4 SO4 S . 3.13 19.56 8.54
S SO4 T . -6.87 25.71 2.12
O1 SO4 T . -5.65 26.30 2.70
O2 SO4 T . -6.58 25.17 0.77
O3 SO4 T . -7.33 24.60 3.01
O4 SO4 T . -7.93 26.74 2.04
S SO4 U . -5.05 11.73 -11.24
O1 SO4 U . -4.03 10.71 -10.92
O2 SO4 U . -4.40 12.95 -11.76
O3 SO4 U . -5.80 12.07 -10.00
O4 SO4 U . -5.99 11.20 -12.25
S SO4 V . 7.94 24.05 -10.43
O1 SO4 V . 8.26 25.40 -9.93
O2 SO4 V . 8.43 23.90 -11.81
O3 SO4 V . 8.59 23.04 -9.56
O4 SO4 V . 6.48 23.84 -10.40
S SO4 W . 6.96 -13.47 -13.78
O1 SO4 W . 8.26 -12.75 -13.75
O2 SO4 W . 5.89 -12.52 -14.19
O3 SO4 W . 7.04 -14.58 -14.76
O4 SO4 W . 6.66 -14.00 -12.44
C21 OHN X . 26.92 2.65 -9.45
C20 OHN X . 26.13 1.50 -10.07
C19 OHN X . 24.85 1.25 -9.26
C18 OHN X . 23.75 0.72 -10.18
C17 OHN X . 22.54 1.65 -10.12
C16 OHN X . 21.62 1.24 -8.97
C15 OHN X . 21.09 2.50 -8.27
C14 OHN X . 21.26 2.34 -6.75
C13 OHN X . 20.72 3.59 -6.05
C11 OHN X . 19.84 3.17 -4.86
O12 OHN X . 19.20 3.99 -4.20
C10 OHN X . 19.80 1.68 -4.57
C8 OHN X . 18.47 1.33 -3.89
O9 OHN X . 17.40 1.62 -4.41
N7 OHN X . 18.59 0.71 -2.71
C1 OHN X . 17.42 0.31 -1.92
C5 OHN X . 17.83 -0.62 -0.78
C4 OHN X . 17.58 0.21 0.46
C2 OHN X . 16.89 1.40 -1.25
O6 OHN X . 16.72 2.48 -1.82
OAP OHN X . 16.60 1.18 0.06
C ACT Y . 11.43 7.54 16.77
O ACT Y . 12.60 7.70 16.33
OXT ACT Y . 10.99 6.41 17.06
CH3 ACT Y . 10.56 8.75 16.96
C1 EDO Z . 17.16 -11.87 11.77
O1 EDO Z . 15.81 -11.67 11.35
C2 EDO Z . 17.60 -10.69 12.64
O2 EDO Z . 16.92 -10.75 13.90
C1 EDO AA . 12.46 -14.12 -4.62
O1 EDO AA . 12.98 -13.58 -5.84
C2 EDO AA . 13.47 -15.06 -3.99
O2 EDO AA . 14.17 -14.39 -2.94
C1 EDO BA . -1.31 15.01 11.93
O1 EDO BA . -2.69 15.36 11.80
C2 EDO BA . -0.68 14.92 10.54
O2 EDO BA . 0.67 15.42 10.57
C1 EDO CA . -2.15 8.65 23.04
O1 EDO CA . -3.16 7.83 22.46
C2 EDO CA . -0.89 7.82 23.28
O2 EDO CA . 0.26 8.54 22.82
C1 EDO DA . 52.16 -1.26 1.16
O1 EDO DA . 51.21 -1.71 2.13
C2 EDO DA . 52.73 0.09 1.58
O2 EDO DA . 51.78 1.12 1.31
OH2 1PE EA . -3.86 20.50 -2.85
C12 1PE EA . -5.15 19.87 -2.74
C22 1PE EA . -5.59 19.31 -4.10
OH3 1PE EA . -6.08 17.98 -3.96
C13 1PE EA . -8.04 16.52 -4.06
C23 1PE EA . -7.51 17.94 -3.84
OH4 1PE EA . -8.53 15.97 -2.84
C14 1PE EA . -9.88 14.28 -1.74
C24 1PE EA . -9.51 14.95 -3.05
OH5 1PE EA . -9.50 12.91 -1.75
C15 1PE EA . -8.86 10.95 -0.49
C25 1PE EA . -9.56 12.31 -0.46
OH6 1PE EA . -8.97 10.38 -1.79
C16 1PE EA . -7.53 9.41 -3.45
C26 1PE EA . -8.00 9.35 -2.01
OH7 1PE EA . -8.35 8.57 -4.26
CO CO FA . -1.59 19.09 -30.82
FE FE GA . -1.83 19.28 -34.44
S SO4 HA . 13.65 33.38 -26.27
O1 SO4 HA . 14.64 33.31 -25.18
O2 SO4 HA . 14.01 34.49 -27.18
O3 SO4 HA . 13.64 32.11 -27.02
O4 SO4 HA . 12.31 33.63 -25.70
S SO4 IA . 20.82 24.75 -19.78
O1 SO4 IA . 21.79 25.70 -19.19
O2 SO4 IA . 21.01 24.66 -21.23
O3 SO4 IA . 21.05 23.41 -19.23
O4 SO4 IA . 19.45 25.22 -19.48
C21 OHN JA . -12.10 11.72 -23.78
C20 OHN JA . -10.78 11.96 -24.51
C19 OHN JA . -11.03 11.92 -26.02
C18 OHN JA . -11.69 13.22 -26.48
C17 OHN JA . -10.71 14.05 -27.29
C16 OHN JA . -10.15 15.18 -26.43
C15 OHN JA . -8.69 15.45 -26.80
C14 OHN JA . -8.59 16.81 -27.49
C13 OHN JA . -7.13 17.31 -27.43
C11 OHN JA . -6.88 18.30 -28.55
O12 OHN JA . -6.30 19.38 -28.36
C10 OHN JA . -7.40 17.91 -29.93
C8 OHN JA . -6.22 17.65 -30.88
O9 OHN JA . -5.29 16.91 -30.54
N7 OHN JA . -6.30 18.28 -32.04
C1 OHN JA . -5.24 18.16 -33.06
C5 OHN JA . -5.72 18.72 -34.39
C4 OHN JA . -4.86 19.96 -34.59
C2 OHN JA . -4.17 18.97 -32.74
O6 OHN JA . -3.70 18.99 -31.60
OAP OHN JA . -3.69 19.72 -33.78
C ACT KA . 18.27 12.86 -21.24
O ACT KA . 18.45 13.61 -20.26
OXT ACT KA . 19.17 12.13 -21.69
CH3 ACT KA . 16.93 12.84 -21.89
C1 EDO LA . 14.11 20.46 -13.86
O1 EDO LA . 13.37 19.63 -14.76
C2 EDO LA . 13.83 21.93 -14.18
O2 EDO LA . 14.23 22.21 -15.52
C1 EDO MA . 21.10 6.59 -32.22
O1 EDO MA . 21.01 5.25 -31.76
C2 EDO MA . 21.23 7.54 -31.03
O2 EDO MA . 22.45 8.29 -31.12
C1 EDO NA . 24.24 12.19 -30.68
O1 EDO NA . 23.05 12.80 -30.16
C2 EDO NA . 24.74 12.99 -31.88
O2 EDO NA . 23.96 12.67 -33.03
C1 EDO OA . 6.81 42.74 -30.53
O1 EDO OA . 5.93 41.86 -29.82
C2 EDO OA . 6.21 44.14 -30.57
O2 EDO OA . 7.22 45.12 -30.35
C1 EDO PA . 17.05 36.70 -45.77
O1 EDO PA . 16.06 37.71 -45.55
C2 EDO PA . 18.36 37.35 -46.22
O2 EDO PA . 19.46 36.75 -45.52
C1 EDO QA . -8.76 -5.09 -35.17
O1 EDO QA . -10.17 -5.05 -35.44
C2 EDO QA . -8.35 -3.82 -34.41
O2 EDO QA . -7.29 -4.12 -33.50
C1 EDO RA . 5.53 11.22 -52.56
O1 EDO RA . 5.53 10.11 -51.66
C2 EDO RA . 6.41 12.33 -51.98
O2 EDO RA . 6.44 13.44 -52.89
OH2 1PE SA . 22.25 15.13 -24.60
C12 1PE SA . 21.54 15.08 -25.84
C22 1PE SA . 22.48 14.61 -26.96
OH3 1PE SA . 22.63 15.65 -27.92
C13 1PE SA . 21.21 17.41 -28.73
C23 1PE SA . 21.42 15.91 -28.62
OH4 1PE SA . 22.47 18.08 -28.70
C14 1PE SA . 23.77 20.02 -29.34
C24 1PE SA . 22.38 19.41 -29.22
OH5 1PE SA . 24.04 20.82 -28.19
C15 1PE SA . 24.80 20.63 -25.90
C25 1PE SA . 23.89 20.06 -26.99
OH6 1PE SA . 24.53 19.97 -24.68
C16 1PE SA . 24.10 20.38 -22.35
C26 1PE SA . 23.75 20.76 -23.78
OH7 1PE SA . 23.18 20.99 -21.44
#